data_4BLT
#
_entry.id   4BLT
#
_cell.length_a   104.352
_cell.length_b   131.727
_cell.length_c   159.285
_cell.angle_alpha   90.00
_cell.angle_beta   90.00
_cell.angle_gamma   90.00
#
_symmetry.space_group_name_H-M   'I 2 2 2'
#
loop_
_entity.id
_entity.type
_entity.pdbx_description
1 polymer 'NTPASE P4'
2 non-polymer 'DIPHOSPHOMETHYLPHOSPHONIC ACID ADENOSYL ESTER'
3 water water
#
_entity_poly.entity_id   1
_entity_poly.type   'polypeptide(L)'
_entity_poly.pdbx_seq_one_letter_code
;MIHLYDAKSFAKLRAAQYAAFHTDAPGSWFDHTSGVLESVEDGTPVLAIGVESGDAIVFDKNAQRIVAYKEKSVKAEDGS
VSVVQVENGFMKQGHRGWLVDLTGELVGCSPVVAEFGGHRYASGMVIVTGKGNSGKTPLVHALGEALGGKDKYATVRFGE
PLSGYNTDFNVFVDDIARAMLQHRVIVIDSLKNVIGAAGGNTTSGGISRGAFDLLSDIGAMAASRGCVVIASLNPTSNDD
KIVELVKEASRSNSTSLVISTDVDGEWQVLTRTGEGLQRLTHTLQTSYGEHAVLTIHTSKQSGGKQASGKAIQTVIKNDE
LESVLRRLTSN
;
_entity_poly.pdbx_strand_id   A,B,C
#
loop_
_chem_comp.id
_chem_comp.type
_chem_comp.name
_chem_comp.formula
APC non-polymer 'DIPHOSPHOMETHYLPHOSPHONIC ACID ADENOSYL ESTER' 'C11 H18 N5 O12 P3'
#
# COMPACT_ATOMS: atom_id res chain seq x y z
N MET A 1 7.38 -16.67 10.71
CA MET A 1 5.93 -16.99 10.84
C MET A 1 5.19 -15.93 11.66
N ILE A 2 3.88 -16.09 11.78
CA ILE A 2 3.07 -15.21 12.62
C ILE A 2 2.88 -15.82 14.02
N HIS A 3 2.61 -14.96 14.99
CA HIS A 3 2.41 -15.38 16.38
C HIS A 3 1.10 -14.84 16.93
N LEU A 4 0.42 -15.67 17.72
CA LEU A 4 -0.82 -15.28 18.37
C LEU A 4 -0.54 -14.93 19.83
N TYR A 5 -1.21 -13.91 20.35
CA TYR A 5 -1.04 -13.50 21.74
C TYR A 5 -2.35 -13.13 22.40
N ASP A 6 -2.39 -13.32 23.71
CA ASP A 6 -3.35 -12.65 24.58
C ASP A 6 -2.54 -11.85 25.60
N ALA A 7 -3.21 -11.21 26.54
CA ALA A 7 -2.52 -10.42 27.58
C ALA A 7 -1.40 -11.22 28.24
N LYS A 8 -1.70 -12.46 28.60
CA LYS A 8 -0.78 -13.30 29.38
C LYS A 8 0.44 -13.77 28.58
N SER A 9 0.23 -14.34 27.40
CA SER A 9 1.34 -14.79 26.57
C SER A 9 2.18 -13.60 26.06
N PHE A 10 1.56 -12.45 25.87
CA PHE A 10 2.29 -11.23 25.49
C PHE A 10 3.16 -10.72 26.64
N ALA A 11 2.63 -10.78 27.86
CA ALA A 11 3.42 -10.41 29.05
C ALA A 11 4.65 -11.32 29.21
N LYS A 12 4.50 -12.60 28.96
CA LYS A 12 5.62 -13.54 28.97
C LYS A 12 6.69 -13.20 27.95
N LEU A 13 6.27 -12.89 26.73
CA LEU A 13 7.20 -12.48 25.68
C LEU A 13 8.00 -11.27 26.12
N ARG A 14 7.32 -10.26 26.65
CA ARG A 14 7.98 -9.06 27.15
C ARG A 14 9.02 -9.37 28.24
N ALA A 15 8.66 -10.26 29.16
CA ALA A 15 9.61 -10.68 30.20
C ALA A 15 10.80 -11.42 29.59
N ALA A 16 10.53 -12.32 28.64
CA ALA A 16 11.59 -13.07 27.96
C ALA A 16 12.50 -12.16 27.13
N GLN A 17 11.92 -11.14 26.51
CA GLN A 17 12.68 -10.14 25.76
C GLN A 17 13.58 -9.33 26.69
N TYR A 18 13.04 -8.92 27.83
CA TYR A 18 13.83 -8.21 28.83
C TYR A 18 15.03 -9.05 29.27
N ALA A 19 14.78 -10.32 29.56
CA ALA A 19 15.84 -11.24 29.96
C ALA A 19 16.90 -11.45 28.87
N ALA A 20 16.47 -11.51 27.62
CA ALA A 20 17.37 -11.76 26.50
C ALA A 20 18.49 -10.71 26.40
N PHE A 21 18.21 -9.48 26.84
CA PHE A 21 19.22 -8.45 26.89
C PHE A 21 19.82 -8.25 28.29
N HIS A 22 18.97 -8.18 29.31
CA HIS A 22 19.40 -7.72 30.64
C HIS A 22 19.98 -8.78 31.58
N THR A 23 19.51 -10.03 31.48
CA THR A 23 19.87 -11.06 32.47
C THR A 23 20.57 -12.30 31.89
N ASP A 24 20.27 -12.67 30.64
CA ASP A 24 20.96 -13.78 30.01
C ASP A 24 22.48 -13.55 29.99
N ALA A 25 23.24 -14.63 30.01
CA ALA A 25 24.69 -14.55 29.95
C ALA A 25 25.12 -14.02 28.58
N PRO A 26 26.10 -13.10 28.55
CA PRO A 26 26.57 -12.57 27.26
C PRO A 26 27.12 -13.66 26.35
N GLY A 27 26.68 -13.68 25.10
CA GLY A 27 27.09 -14.69 24.13
C GLY A 27 26.23 -15.94 24.13
N SER A 28 25.28 -16.04 25.07
CA SER A 28 24.44 -17.23 25.21
C SER A 28 23.70 -17.57 23.94
N TRP A 29 23.03 -16.56 23.38
CA TRP A 29 22.19 -16.75 22.23
C TRP A 29 22.97 -17.25 21.03
N PHE A 30 24.15 -16.67 20.83
CA PHE A 30 25.06 -17.11 19.77
C PHE A 30 25.36 -18.59 19.91
N ASP A 31 25.71 -19.00 21.13
CA ASP A 31 26.00 -20.41 21.41
C ASP A 31 24.80 -21.30 21.16
N HIS A 32 23.60 -20.83 21.48
CA HIS A 32 22.37 -21.58 21.24
C HIS A 32 22.10 -21.73 19.73
N THR A 33 22.22 -20.64 18.99
CA THR A 33 21.97 -20.68 17.55
C THR A 33 23.06 -21.47 16.80
N SER A 34 24.28 -21.49 17.35
CA SER A 34 25.33 -22.34 16.81
C SER A 34 24.89 -23.79 16.89
N GLY A 35 24.34 -24.19 18.04
CA GLY A 35 23.82 -25.54 18.24
C GLY A 35 22.69 -25.90 17.28
N VAL A 36 21.81 -24.94 17.04
CA VAL A 36 20.71 -25.14 16.09
C VAL A 36 21.25 -25.35 14.67
N LEU A 37 22.18 -24.48 14.25
CA LEU A 37 22.82 -24.63 12.94
C LEU A 37 23.56 -25.96 12.80
N GLU A 38 24.28 -26.35 13.85
CA GLU A 38 25.03 -27.61 13.84
C GLU A 38 24.12 -28.84 13.70
N SER A 39 22.90 -28.74 14.21
CA SER A 39 21.93 -29.85 14.15
C SER A 39 21.24 -29.99 12.80
N VAL A 40 21.36 -28.99 11.94
CA VAL A 40 20.85 -29.06 10.58
C VAL A 40 21.60 -30.14 9.82
N GLU A 41 20.87 -31.06 9.19
CA GLU A 41 21.50 -32.13 8.41
C GLU A 41 22.29 -31.54 7.25
N ASP A 42 23.43 -32.16 6.95
CA ASP A 42 24.44 -31.55 6.08
C ASP A 42 23.91 -31.34 4.66
N GLY A 43 24.16 -30.15 4.11
CA GLY A 43 23.71 -29.80 2.76
C GLY A 43 22.45 -28.96 2.72
N THR A 44 21.74 -28.87 3.85
CA THR A 44 20.51 -28.08 3.92
C THR A 44 20.82 -26.59 3.97
N PRO A 45 20.17 -25.79 3.10
CA PRO A 45 20.32 -24.34 3.12
C PRO A 45 19.92 -23.72 4.46
N VAL A 46 20.74 -22.81 4.97
CA VAL A 46 20.43 -22.12 6.23
C VAL A 46 20.34 -20.61 6.09
N LEU A 47 21.03 -20.04 5.09
CA LEU A 47 21.11 -18.60 4.95
C LEU A 47 21.12 -18.19 3.49
N ALA A 48 20.29 -17.20 3.15
CA ALA A 48 20.27 -16.62 1.82
C ALA A 48 20.47 -15.12 1.92
N ILE A 49 21.39 -14.59 1.12
CA ILE A 49 21.71 -13.17 1.12
C ILE A 49 21.71 -12.63 -0.31
N GLY A 50 21.21 -11.40 -0.46
CA GLY A 50 21.01 -10.81 -1.79
C GLY A 50 22.30 -10.30 -2.40
N VAL A 51 22.53 -10.65 -3.68
CA VAL A 51 23.65 -10.10 -4.44
C VAL A 51 23.23 -8.81 -5.16
N GLU A 52 24.17 -8.15 -5.81
CA GLU A 52 23.96 -6.84 -6.43
C GLU A 52 22.68 -6.74 -7.27
N SER A 53 22.38 -7.79 -8.04
CA SER A 53 21.22 -7.79 -8.93
C SER A 53 19.88 -7.84 -8.17
N GLY A 54 19.89 -8.41 -6.97
CA GLY A 54 18.66 -8.64 -6.22
C GLY A 54 18.31 -10.11 -6.11
N ASP A 55 18.95 -10.94 -6.93
CA ASP A 55 18.93 -12.39 -6.74
C ASP A 55 19.64 -12.69 -5.43
N ALA A 56 19.58 -13.95 -4.97
CA ALA A 56 20.18 -14.34 -3.71
C ALA A 56 21.09 -15.55 -3.87
N ILE A 57 22.20 -15.55 -3.12
CA ILE A 57 23.07 -16.71 -3.00
C ILE A 57 22.81 -17.39 -1.66
N VAL A 58 23.08 -18.68 -1.59
CA VAL A 58 22.65 -19.51 -0.47
C VAL A 58 23.82 -20.28 0.13
N PHE A 59 23.85 -20.37 1.45
CA PHE A 59 24.93 -21.05 2.17
C PHE A 59 24.41 -22.13 3.10
N ASP A 60 25.22 -23.18 3.30
CA ASP A 60 24.91 -24.22 4.27
C ASP A 60 25.50 -23.86 5.65
N LYS A 61 25.43 -24.79 6.59
CA LYS A 61 25.89 -24.56 7.96
C LYS A 61 27.41 -24.34 8.08
N ASN A 62 28.17 -24.88 7.13
CA ASN A 62 29.64 -24.73 7.12
C ASN A 62 30.11 -23.51 6.33
N ALA A 63 29.18 -22.62 5.97
CA ALA A 63 29.50 -21.43 5.20
C ALA A 63 29.98 -21.78 3.78
N GLN A 64 29.51 -22.92 3.26
CA GLN A 64 29.80 -23.32 1.89
C GLN A 64 28.62 -22.94 1.02
N ARG A 65 28.90 -22.30 -0.11
CA ARG A 65 27.86 -21.86 -1.02
C ARG A 65 27.25 -23.06 -1.73
N ILE A 66 25.92 -23.05 -1.86
CA ILE A 66 25.18 -24.14 -2.47
C ILE A 66 24.87 -23.79 -3.92
N VAL A 67 25.38 -24.60 -4.85
CA VAL A 67 25.16 -24.37 -6.28
C VAL A 67 23.84 -24.94 -6.76
N ALA A 68 23.48 -26.12 -6.24
CA ALA A 68 22.26 -26.83 -6.66
C ALA A 68 21.60 -27.50 -5.46
N TYR A 69 20.28 -27.46 -5.43
CA TYR A 69 19.50 -28.05 -4.34
C TYR A 69 18.08 -28.32 -4.80
N LYS A 70 17.65 -29.57 -4.70
CA LYS A 70 16.31 -30.00 -5.11
C LYS A 70 15.24 -29.23 -4.33
N GLU A 71 14.12 -28.93 -4.98
CA GLU A 71 12.98 -28.29 -4.32
C GLU A 71 12.58 -29.09 -3.08
N LYS A 72 12.30 -28.39 -1.99
CA LYS A 72 12.02 -29.03 -0.71
C LYS A 72 11.10 -28.16 0.13
N SER A 73 9.91 -28.69 0.45
CA SER A 73 8.89 -27.94 1.18
C SER A 73 8.86 -28.32 2.65
N VAL A 74 9.02 -27.33 3.52
CA VAL A 74 8.99 -27.54 4.96
C VAL A 74 7.80 -26.80 5.55
N LYS A 75 6.96 -27.52 6.29
CA LYS A 75 5.77 -26.94 6.91
C LYS A 75 6.07 -26.46 8.32
N ALA A 76 5.80 -25.18 8.58
CA ALA A 76 6.01 -24.58 9.91
C ALA A 76 4.88 -24.94 10.86
N GLU A 77 4.95 -24.44 12.09
CA GLU A 77 3.97 -24.77 13.12
C GLU A 77 2.60 -24.13 12.83
N ASP A 78 2.62 -22.86 12.41
CA ASP A 78 1.39 -22.11 12.13
C ASP A 78 0.67 -22.53 10.84
N GLY A 79 1.27 -23.45 10.07
CA GLY A 79 0.67 -23.95 8.83
C GLY A 79 1.34 -23.41 7.58
N SER A 80 2.16 -22.36 7.75
CA SER A 80 2.85 -21.72 6.63
C SER A 80 3.94 -22.62 6.07
N VAL A 81 4.03 -22.68 4.75
CA VAL A 81 5.00 -23.52 4.06
C VAL A 81 6.15 -22.67 3.53
N SER A 82 7.38 -23.09 3.85
CA SER A 82 8.58 -22.48 3.29
C SER A 82 9.23 -23.44 2.32
N VAL A 83 9.32 -23.04 1.06
CA VAL A 83 9.95 -23.86 0.02
C VAL A 83 11.32 -23.28 -0.29
N VAL A 84 12.31 -24.14 -0.42
CA VAL A 84 13.67 -23.73 -0.78
C VAL A 84 14.14 -24.52 -2.00
N GLN A 85 14.66 -23.79 -2.99
CA GLN A 85 15.19 -24.40 -4.20
C GLN A 85 16.35 -23.55 -4.70
N VAL A 86 17.44 -24.20 -5.07
CA VAL A 86 18.62 -23.52 -5.59
C VAL A 86 19.03 -24.17 -6.91
N GLU A 87 19.37 -23.35 -7.89
CA GLU A 87 19.78 -23.83 -9.21
C GLU A 87 20.74 -22.83 -9.87
N ASN A 88 21.83 -23.33 -10.43
CA ASN A 88 22.88 -22.52 -11.05
C ASN A 88 23.46 -21.47 -10.09
N GLY A 89 23.58 -21.82 -8.82
CA GLY A 89 24.18 -20.96 -7.81
C GLY A 89 23.30 -19.83 -7.28
N PHE A 90 22.01 -19.85 -7.63
CA PHE A 90 21.09 -18.80 -7.21
C PHE A 90 19.77 -19.37 -6.69
N MET A 91 19.13 -18.62 -5.79
CA MET A 91 17.88 -19.01 -5.17
C MET A 91 16.72 -18.95 -6.17
N LYS A 92 16.12 -20.11 -6.46
CA LYS A 92 14.94 -20.18 -7.32
C LYS A 92 13.68 -19.94 -6.49
N GLN A 93 13.59 -20.61 -5.35
CA GLN A 93 12.50 -20.40 -4.41
C GLN A 93 13.04 -20.21 -3.00
N GLY A 94 12.33 -19.42 -2.20
CA GLY A 94 12.71 -19.12 -0.83
C GLY A 94 12.71 -17.64 -0.56
N HIS A 95 13.41 -17.23 0.49
CA HIS A 95 13.48 -15.84 0.88
C HIS A 95 14.87 -15.47 1.35
N ARG A 96 15.14 -14.16 1.41
CA ARG A 96 16.40 -13.66 1.97
C ARG A 96 16.33 -13.75 3.49
N GLY A 97 17.47 -14.10 4.10
CA GLY A 97 17.56 -14.24 5.56
C GLY A 97 17.81 -15.67 5.96
N TRP A 98 17.47 -15.99 7.21
CA TRP A 98 17.67 -17.33 7.74
C TRP A 98 16.61 -18.29 7.21
N LEU A 99 17.07 -19.41 6.65
CA LEU A 99 16.18 -20.40 6.04
C LEU A 99 15.77 -21.49 7.01
N VAL A 100 16.37 -21.49 8.20
CA VAL A 100 15.91 -22.33 9.31
C VAL A 100 15.56 -21.44 10.48
N ASP A 101 14.58 -21.88 11.27
CA ASP A 101 14.12 -21.14 12.43
C ASP A 101 15.17 -21.15 13.54
N LEU A 102 15.78 -20.00 13.79
CA LEU A 102 16.75 -19.83 14.87
C LEU A 102 16.13 -19.28 16.14
N THR A 103 14.88 -18.84 16.06
CA THR A 103 14.29 -18.02 17.13
C THR A 103 13.07 -18.61 17.81
N GLY A 104 12.25 -19.35 17.06
CA GLY A 104 11.06 -19.98 17.63
C GLY A 104 10.08 -18.92 18.10
N GLU A 105 9.63 -19.04 19.35
CA GLU A 105 8.76 -18.03 19.95
C GLU A 105 9.54 -16.82 20.46
N LEU A 106 10.86 -16.91 20.48
CA LEU A 106 11.70 -15.86 21.04
C LEU A 106 12.08 -14.83 19.97
N VAL A 107 11.16 -13.91 19.71
CA VAL A 107 11.32 -12.90 18.66
C VAL A 107 11.21 -11.50 19.24
N GLY A 108 11.73 -10.51 18.52
CA GLY A 108 11.72 -9.13 18.96
C GLY A 108 12.77 -8.81 20.02
N CYS A 109 13.77 -9.68 20.13
CA CYS A 109 14.82 -9.52 21.14
C CYS A 109 16.03 -8.81 20.58
N SER A 110 16.86 -8.31 21.48
CA SER A 110 18.21 -7.86 21.17
C SER A 110 19.15 -8.68 22.04
N PRO A 111 19.44 -9.94 21.62
CA PRO A 111 20.22 -10.83 22.47
C PRO A 111 21.59 -10.24 22.82
N VAL A 112 21.89 -10.17 24.10
CA VAL A 112 23.17 -9.64 24.58
C VAL A 112 24.33 -10.42 23.94
N VAL A 113 25.23 -9.68 23.28
CA VAL A 113 26.36 -10.30 22.58
C VAL A 113 27.65 -10.31 23.43
N ALA A 114 27.82 -9.29 24.25
CA ALA A 114 28.99 -9.20 25.12
C ALA A 114 28.77 -8.14 26.20
N GLU A 115 29.63 -8.18 27.20
CA GLU A 115 29.64 -7.17 28.26
C GLU A 115 31.05 -6.62 28.39
N PHE A 116 31.17 -5.30 28.34
CA PHE A 116 32.48 -4.65 28.40
C PHE A 116 32.40 -3.34 29.17
N GLY A 117 33.34 -3.15 30.08
CA GLY A 117 33.44 -1.91 30.86
C GLY A 117 32.20 -1.54 31.65
N GLY A 118 31.48 -2.56 32.12
CA GLY A 118 30.25 -2.35 32.89
C GLY A 118 28.98 -2.14 32.09
N HIS A 119 29.05 -2.29 30.76
CA HIS A 119 27.89 -2.11 29.90
C HIS A 119 27.65 -3.35 29.06
N ARG A 120 26.37 -3.68 28.88
CA ARG A 120 25.97 -4.78 28.01
C ARG A 120 25.74 -4.26 26.60
N TYR A 121 26.22 -4.99 25.61
CA TYR A 121 26.05 -4.63 24.21
C TYR A 121 25.16 -5.62 23.50
N ALA A 122 24.35 -5.10 22.57
CA ALA A 122 23.38 -5.90 21.85
C ALA A 122 23.98 -6.55 20.61
N SER A 123 23.42 -7.69 20.22
CA SER A 123 23.71 -8.28 18.92
C SER A 123 22.93 -7.50 17.86
N GLY A 124 23.02 -7.92 16.60
CA GLY A 124 22.40 -7.18 15.50
C GLY A 124 23.43 -6.28 14.85
N MET A 125 22.98 -5.23 14.17
CA MET A 125 23.93 -4.32 13.55
C MET A 125 24.14 -3.06 14.37
N VAL A 126 25.43 -2.74 14.59
CA VAL A 126 25.84 -1.47 15.18
C VAL A 126 26.45 -0.61 14.08
N ILE A 127 25.87 0.56 13.84
CA ILE A 127 26.45 1.50 12.90
C ILE A 127 27.30 2.50 13.67
N VAL A 128 28.55 2.64 13.25
CA VAL A 128 29.47 3.62 13.80
C VAL A 128 29.58 4.77 12.82
N THR A 129 29.17 5.96 13.25
CA THR A 129 29.08 7.10 12.36
C THR A 129 29.27 8.41 13.13
N GLY A 130 28.98 9.52 12.47
CA GLY A 130 29.10 10.85 13.07
C GLY A 130 30.08 11.72 12.33
N LYS A 131 30.12 13.00 12.69
CA LYS A 131 31.07 13.94 12.11
C LYS A 131 32.09 14.35 13.16
N GLY A 132 33.01 15.23 12.79
CA GLY A 132 34.09 15.65 13.69
C GLY A 132 35.36 14.83 13.44
N ASN A 133 36.34 15.01 14.32
CA ASN A 133 37.68 14.47 14.12
C ASN A 133 37.91 13.06 14.67
N SER A 134 36.91 12.50 15.35
CA SER A 134 37.04 11.16 15.92
C SER A 134 36.93 10.10 14.83
N GLY A 135 37.98 9.28 14.71
CA GLY A 135 38.07 8.28 13.64
C GLY A 135 37.18 7.07 13.82
N LYS A 136 36.51 6.68 12.73
CA LYS A 136 35.59 5.55 12.74
C LYS A 136 36.33 4.22 12.72
N THR A 137 37.30 4.09 11.81
CA THR A 137 38.01 2.83 11.62
C THR A 137 38.72 2.34 12.90
N PRO A 138 39.47 3.21 13.60
CA PRO A 138 40.08 2.76 14.86
C PRO A 138 39.06 2.36 15.92
N LEU A 139 37.90 3.02 15.94
CA LEU A 139 36.86 2.70 16.90
C LEU A 139 36.26 1.33 16.66
N VAL A 140 35.93 1.00 15.40
CA VAL A 140 35.30 -0.30 15.10
C VAL A 140 36.24 -1.47 15.42
N HIS A 141 37.54 -1.29 15.21
CA HIS A 141 38.51 -2.33 15.54
C HIS A 141 38.67 -2.48 17.06
N ALA A 142 38.62 -1.37 17.78
CA ALA A 142 38.67 -1.40 19.24
C ALA A 142 37.41 -2.07 19.80
N LEU A 143 36.27 -1.76 19.20
CA LEU A 143 35.00 -2.34 19.64
C LEU A 143 34.96 -3.83 19.32
N GLY A 144 35.44 -4.20 18.13
CA GLY A 144 35.53 -5.60 17.74
C GLY A 144 36.38 -6.43 18.68
N GLU A 145 37.51 -5.87 19.10
CA GLU A 145 38.39 -6.54 20.05
C GLU A 145 37.74 -6.64 21.43
N ALA A 146 37.13 -5.55 21.88
CA ALA A 146 36.53 -5.48 23.21
C ALA A 146 35.35 -6.45 23.35
N LEU A 147 34.45 -6.43 22.38
CA LEU A 147 33.28 -7.31 22.39
C LEU A 147 33.66 -8.76 22.07
N GLY A 148 34.75 -8.94 21.33
CA GLY A 148 35.30 -10.27 21.09
C GLY A 148 35.65 -10.95 22.41
N GLY A 149 36.29 -10.20 23.30
CA GLY A 149 36.68 -10.71 24.61
C GLY A 149 37.73 -11.80 24.46
N LYS A 150 37.32 -13.03 24.73
CA LYS A 150 38.20 -14.19 24.62
C LYS A 150 38.36 -14.61 23.16
N ASP A 151 37.40 -14.19 22.33
CA ASP A 151 37.35 -14.60 20.92
C ASP A 151 37.90 -13.52 20.00
N LYS A 152 38.50 -13.97 18.90
CA LYS A 152 38.92 -13.09 17.82
C LYS A 152 37.69 -12.61 17.08
N TYR A 153 37.72 -11.37 16.61
CA TYR A 153 36.65 -10.82 15.79
C TYR A 153 37.00 -10.92 14.31
N ALA A 154 35.98 -10.99 13.46
CA ALA A 154 36.16 -11.12 12.03
C ALA A 154 36.06 -9.76 11.37
N THR A 155 36.93 -9.50 10.39
CA THR A 155 36.92 -8.24 9.68
C THR A 155 36.57 -8.47 8.21
N VAL A 156 35.49 -7.81 7.78
CA VAL A 156 35.11 -7.76 6.39
C VAL A 156 35.53 -6.40 5.86
N ARG A 157 36.36 -6.38 4.82
CA ARG A 157 36.84 -5.14 4.24
C ARG A 157 36.17 -4.89 2.88
N PHE A 158 35.75 -3.65 2.66
CA PHE A 158 35.00 -3.31 1.47
C PHE A 158 35.08 -1.82 1.12
N GLY A 159 35.48 -1.53 -0.11
CA GLY A 159 35.28 -0.23 -0.71
C GLY A 159 36.11 0.90 -0.15
N GLU A 160 37.42 0.66 -0.02
CA GLU A 160 38.39 1.72 0.26
C GLU A 160 39.56 1.56 -0.71
N PRO A 161 40.21 2.68 -1.08
CA PRO A 161 41.31 2.66 -2.03
C PRO A 161 42.65 2.28 -1.36
N LEU A 162 42.66 1.14 -0.68
CA LEU A 162 43.85 0.66 0.02
C LEU A 162 44.11 -0.79 -0.36
N SER A 163 45.31 -1.28 -0.03
CA SER A 163 45.73 -2.60 -0.48
C SER A 163 44.83 -3.73 0.04
N GLY A 164 44.52 -4.68 -0.82
CA GLY A 164 43.79 -5.88 -0.45
C GLY A 164 42.28 -5.73 -0.29
N TYR A 165 41.78 -4.51 -0.45
CA TYR A 165 40.34 -4.24 -0.28
C TYR A 165 39.56 -4.70 -1.49
N ASN A 166 38.63 -5.63 -1.26
CA ASN A 166 37.62 -5.98 -2.25
C ASN A 166 36.68 -4.79 -2.48
N THR A 167 36.27 -4.60 -3.74
CA THR A 167 35.32 -3.54 -4.09
C THR A 167 34.10 -4.07 -4.85
N ASP A 168 33.97 -5.40 -4.93
CA ASP A 168 32.86 -6.06 -5.63
C ASP A 168 31.81 -6.49 -4.61
N PHE A 169 30.61 -5.96 -4.75
CA PHE A 169 29.53 -6.17 -3.79
C PHE A 169 29.21 -7.65 -3.57
N ASN A 170 29.32 -8.46 -4.62
CA ASN A 170 28.98 -9.87 -4.51
C ASN A 170 29.95 -10.69 -3.67
N VAL A 171 31.23 -10.30 -3.68
CA VAL A 171 32.22 -10.87 -2.78
C VAL A 171 31.97 -10.41 -1.34
N PHE A 172 31.60 -9.14 -1.19
CA PHE A 172 31.29 -8.52 0.09
C PHE A 172 30.20 -9.27 0.87
N VAL A 173 29.09 -9.59 0.20
CA VAL A 173 28.00 -10.32 0.84
C VAL A 173 28.36 -11.78 1.14
N ASP A 174 29.24 -12.34 0.32
CA ASP A 174 29.78 -13.69 0.55
C ASP A 174 30.59 -13.70 1.84
N ASP A 175 31.45 -12.69 2.00
CA ASP A 175 32.24 -12.51 3.24
C ASP A 175 31.33 -12.35 4.47
N ILE A 176 30.31 -11.50 4.35
CA ILE A 176 29.37 -11.24 5.45
C ILE A 176 28.64 -12.51 5.90
N ALA A 177 28.08 -13.26 4.94
CA ALA A 177 27.36 -14.51 5.25
C ALA A 177 28.25 -15.47 6.02
N ARG A 178 29.46 -15.67 5.52
CA ARG A 178 30.46 -16.54 6.16
C ARG A 178 30.78 -16.05 7.57
N ALA A 179 30.93 -14.74 7.73
CA ALA A 179 31.25 -14.15 9.02
C ALA A 179 30.14 -14.42 10.05
N MET A 180 28.90 -14.16 9.67
CA MET A 180 27.75 -14.37 10.55
C MET A 180 27.52 -15.85 10.85
N LEU A 181 27.85 -16.72 9.90
CA LEU A 181 27.72 -18.17 10.09
C LEU A 181 28.75 -18.75 11.08
N GLN A 182 29.89 -18.08 11.23
CA GLN A 182 31.02 -18.65 11.99
C GLN A 182 31.56 -17.83 13.17
N HIS A 183 31.16 -16.57 13.30
CA HIS A 183 31.73 -15.69 14.32
C HIS A 183 30.70 -14.78 14.98
N ARG A 184 30.91 -14.55 16.28
CA ARG A 184 30.01 -13.75 17.10
C ARG A 184 30.21 -12.23 16.91
N VAL A 185 31.45 -11.82 16.66
CA VAL A 185 31.79 -10.40 16.53
C VAL A 185 32.41 -10.15 15.17
N ILE A 186 31.82 -9.22 14.44
CA ILE A 186 32.16 -8.97 13.05
C ILE A 186 32.30 -7.47 12.82
N VAL A 187 33.39 -7.07 12.15
CA VAL A 187 33.63 -5.68 11.80
C VAL A 187 33.51 -5.51 10.29
N ILE A 188 32.77 -4.48 9.86
CA ILE A 188 32.68 -4.11 8.45
C ILE A 188 33.29 -2.73 8.24
N ASP A 189 34.28 -2.66 7.37
CA ASP A 189 34.92 -1.39 6.99
C ASP A 189 35.06 -1.39 5.46
N SER A 190 34.26 -0.60 4.74
CA SER A 190 33.21 0.27 5.29
C SER A 190 31.90 0.06 4.55
N LEU A 191 30.88 0.78 5.02
CA LEU A 191 29.53 0.68 4.50
C LEU A 191 29.22 1.87 3.57
N LYS A 192 30.27 2.52 3.04
CA LYS A 192 30.10 3.70 2.19
C LYS A 192 29.62 3.40 0.79
N ASN A 193 30.20 2.36 0.17
CA ASN A 193 29.86 2.00 -1.20
C ASN A 193 28.48 1.35 -1.36
N VAL A 194 27.92 0.80 -0.28
CA VAL A 194 26.55 0.30 -0.33
C VAL A 194 25.57 1.47 -0.29
N ILE A 195 25.94 2.52 0.45
CA ILE A 195 25.22 3.78 0.46
C ILE A 195 25.50 4.54 -0.85
N GLY A 196 26.60 4.19 -1.53
CA GLY A 196 26.86 4.69 -2.88
C GLY A 196 26.12 3.85 -3.90
N ILE A 207 21.19 3.43 -6.36
CA ILE A 207 21.62 2.35 -5.47
C ILE A 207 21.03 1.02 -5.94
N SER A 208 21.85 -0.03 -5.89
CA SER A 208 21.48 -1.35 -6.41
C SER A 208 20.47 -2.05 -5.49
N ARG A 209 19.80 -3.05 -6.05
CA ARG A 209 18.83 -3.83 -5.29
C ARG A 209 19.48 -4.57 -4.13
N GLY A 210 20.64 -5.17 -4.40
CA GLY A 210 21.42 -5.86 -3.36
C GLY A 210 21.77 -4.97 -2.19
N ALA A 211 22.19 -3.74 -2.48
CA ALA A 211 22.56 -2.77 -1.44
C ALA A 211 21.39 -2.38 -0.55
N PHE A 212 20.24 -2.12 -1.15
CA PHE A 212 19.02 -1.82 -0.40
C PHE A 212 18.61 -3.01 0.46
N ASP A 213 18.65 -4.20 -0.13
CA ASP A 213 18.34 -5.44 0.60
C ASP A 213 19.23 -5.60 1.83
N LEU A 214 20.54 -5.45 1.62
CA LEU A 214 21.51 -5.63 2.70
C LEU A 214 21.23 -4.70 3.88
N LEU A 215 20.96 -3.45 3.59
CA LEU A 215 20.67 -2.46 4.62
C LEU A 215 19.46 -2.82 5.45
N SER A 216 18.43 -3.36 4.80
CA SER A 216 17.20 -3.75 5.48
C SER A 216 17.25 -5.14 6.11
N ASP A 217 18.20 -5.98 5.68
CA ASP A 217 18.27 -7.39 6.12
C ASP A 217 19.25 -7.65 7.26
N ILE A 218 20.40 -7.00 7.23
CA ILE A 218 21.55 -7.44 8.02
C ILE A 218 21.35 -7.36 9.54
N GLY A 219 20.69 -6.31 10.01
CA GLY A 219 20.38 -6.15 11.42
C GLY A 219 19.59 -7.32 11.97
N ALA A 220 18.57 -7.75 11.22
CA ALA A 220 17.71 -8.85 11.62
C ALA A 220 18.45 -10.17 11.56
N MET A 221 19.24 -10.36 10.50
CA MET A 221 20.05 -11.57 10.35
C MET A 221 20.98 -11.74 11.56
N ALA A 222 21.61 -10.65 11.97
CA ALA A 222 22.58 -10.69 13.06
C ALA A 222 21.91 -10.88 14.42
N ALA A 223 20.84 -10.13 14.69
CA ALA A 223 20.12 -10.27 15.96
C ALA A 223 19.57 -11.67 16.15
N SER A 224 19.09 -12.27 15.06
CA SER A 224 18.60 -13.65 15.09
C SER A 224 19.72 -14.64 15.40
N ARG A 225 20.91 -14.36 14.87
CA ARG A 225 22.07 -15.22 15.11
C ARG A 225 22.62 -15.03 16.51
N GLY A 226 22.51 -13.81 17.03
CA GLY A 226 23.15 -13.46 18.30
C GLY A 226 24.56 -12.93 18.08
N CYS A 227 24.89 -12.60 16.84
CA CYS A 227 26.18 -12.00 16.52
C CYS A 227 26.03 -10.51 16.32
N VAL A 228 27.13 -9.79 16.41
CA VAL A 228 27.11 -8.33 16.25
C VAL A 228 27.93 -7.94 15.02
N VAL A 229 27.35 -7.06 14.21
CA VAL A 229 28.03 -6.53 13.03
C VAL A 229 28.30 -5.04 13.27
N ILE A 230 29.57 -4.70 13.41
CA ILE A 230 30.00 -3.34 13.71
C ILE A 230 30.49 -2.71 12.42
N ALA A 231 29.69 -1.80 11.88
CA ALA A 231 29.95 -1.23 10.55
C ALA A 231 30.25 0.26 10.63
N SER A 232 31.34 0.68 10.02
CA SER A 232 31.68 2.09 9.93
C SER A 232 30.91 2.74 8.78
N LEU A 233 30.48 3.97 8.99
CA LEU A 233 29.75 4.71 7.97
C LEU A 233 30.06 6.20 8.10
N ASN A 234 31.06 6.65 7.35
CA ASN A 234 31.45 8.06 7.36
C ASN A 234 30.39 8.86 6.56
N PRO A 235 29.65 9.75 7.24
CA PRO A 235 28.68 10.57 6.51
C PRO A 235 29.38 11.70 5.76
N THR A 236 29.82 11.42 4.55
CA THR A 236 30.68 12.31 3.79
C THR A 236 29.92 13.45 3.10
N SER A 237 29.16 13.11 2.06
CA SER A 237 28.56 14.12 1.18
C SER A 237 27.39 14.86 1.82
N ASN A 238 27.10 16.05 1.30
CA ASN A 238 26.01 16.89 1.79
C ASN A 238 24.73 16.79 0.96
N ASP A 239 24.72 15.90 -0.03
CA ASP A 239 23.54 15.71 -0.88
C ASP A 239 22.33 15.32 -0.02
N ASP A 240 21.26 16.10 -0.13
CA ASP A 240 20.15 16.06 0.84
C ASP A 240 19.37 14.75 0.92
N LYS A 241 19.44 13.89 -0.10
CA LYS A 241 18.70 12.62 -0.08
C LYS A 241 19.56 11.52 0.51
N ILE A 242 20.87 11.58 0.25
CA ILE A 242 21.77 10.56 0.75
C ILE A 242 22.00 10.63 2.26
N VAL A 243 22.01 11.86 2.82
CA VAL A 243 22.14 12.04 4.27
C VAL A 243 20.94 11.48 5.03
N GLU A 244 19.77 11.48 4.40
CA GLU A 244 18.58 10.89 5.00
C GLU A 244 18.66 9.37 4.98
N LEU A 245 19.34 8.83 3.97
CA LEU A 245 19.58 7.39 3.89
C LEU A 245 20.59 6.95 4.97
N VAL A 246 21.53 7.84 5.29
CA VAL A 246 22.44 7.63 6.42
C VAL A 246 21.67 7.71 7.75
N LYS A 247 20.79 8.70 7.87
CA LYS A 247 19.96 8.85 9.06
C LYS A 247 18.98 7.70 9.24
N GLU A 248 18.44 7.18 8.14
CA GLU A 248 17.48 6.08 8.17
C GLU A 248 18.18 4.78 8.55
N ALA A 249 19.39 4.59 8.01
CA ALA A 249 20.20 3.44 8.37
C ALA A 249 20.62 3.48 9.84
N SER A 250 20.91 4.69 10.32
CA SER A 250 21.34 4.89 11.71
C SER A 250 20.18 4.75 12.68
N ARG A 251 19.03 5.32 12.33
CA ARG A 251 17.88 5.34 13.22
C ARG A 251 17.17 3.99 13.30
N SER A 252 16.82 3.42 12.15
CA SER A 252 15.87 2.30 12.11
C SER A 252 16.38 0.98 11.52
N ASN A 253 17.50 1.00 10.79
CA ASN A 253 18.07 -0.25 10.27
C ASN A 253 19.17 -0.83 11.15
N SER A 254 19.61 -0.07 12.15
CA SER A 254 20.63 -0.53 13.08
C SER A 254 20.00 -0.83 14.44
N THR A 255 20.48 -1.90 15.07
CA THR A 255 20.06 -2.28 16.41
C THR A 255 20.66 -1.32 17.44
N SER A 256 21.94 -0.98 17.24
CA SER A 256 22.60 0.02 18.07
C SER A 256 23.25 1.10 17.21
N LEU A 257 23.47 2.27 17.81
CA LEU A 257 24.13 3.38 17.13
C LEU A 257 25.29 3.89 17.98
N VAL A 258 26.46 3.98 17.37
CA VAL A 258 27.64 4.56 18.03
C VAL A 258 28.04 5.80 17.23
N ILE A 259 27.95 6.97 17.86
CA ILE A 259 28.12 8.22 17.15
C ILE A 259 29.08 9.15 17.89
N SER A 260 29.93 9.83 17.13
CA SER A 260 30.95 10.71 17.69
C SER A 260 30.32 11.99 18.25
N THR A 261 31.09 12.71 19.06
CA THR A 261 30.60 13.90 19.74
C THR A 261 31.49 15.10 19.45
N ASP A 262 31.19 16.22 20.10
CA ASP A 262 31.97 17.45 19.97
C ASP A 262 33.41 17.29 20.48
N VAL A 263 33.61 16.41 21.46
CA VAL A 263 34.91 16.19 22.04
C VAL A 263 35.57 14.97 21.39
N ASP A 264 36.82 15.14 20.98
CA ASP A 264 37.55 14.10 20.25
C ASP A 264 37.81 12.91 21.17
N GLY A 265 37.57 11.70 20.65
CA GLY A 265 37.77 10.48 21.40
C GLY A 265 36.53 10.01 22.15
N GLU A 266 35.53 10.88 22.28
CA GLU A 266 34.33 10.59 23.04
C GLU A 266 33.18 10.19 22.11
N TRP A 267 32.49 9.10 22.47
CA TRP A 267 31.40 8.54 21.66
C TRP A 267 30.17 8.26 22.51
N GLN A 268 28.98 8.42 21.93
CA GLN A 268 27.74 8.01 22.56
C GLN A 268 27.26 6.71 21.95
N VAL A 269 26.77 5.80 22.80
CA VAL A 269 26.22 4.52 22.36
C VAL A 269 24.73 4.51 22.66
N LEU A 270 23.92 4.27 21.63
CA LEU A 270 22.48 4.19 21.76
C LEU A 270 22.05 2.78 21.40
N THR A 271 21.43 2.08 22.35
CA THR A 271 21.15 0.66 22.20
C THR A 271 19.66 0.37 22.30
N ARG A 272 19.11 -0.26 21.27
CA ARG A 272 17.76 -0.80 21.34
C ARG A 272 17.81 -2.12 22.12
N THR A 273 16.99 -2.21 23.16
CA THR A 273 16.98 -3.38 24.04
C THR A 273 15.93 -4.42 23.66
N GLY A 274 15.05 -4.06 22.73
CA GLY A 274 13.97 -4.96 22.33
C GLY A 274 12.87 -4.25 21.58
N GLU A 275 12.11 -5.02 20.81
CA GLU A 275 11.14 -4.46 19.83
C GLU A 275 10.29 -3.24 20.23
N GLY A 276 9.65 -3.27 21.39
CA GLY A 276 8.84 -2.13 21.79
C GLY A 276 9.39 -1.50 23.04
N LEU A 277 10.72 -1.50 23.19
CA LEU A 277 11.33 -1.14 24.47
C LEU A 277 12.11 0.17 24.37
N GLN A 278 12.49 0.68 25.53
CA GLN A 278 13.25 1.92 25.60
C GLN A 278 14.67 1.72 25.13
N ARG A 279 15.20 2.76 24.51
CA ARG A 279 16.56 2.76 24.00
C ARG A 279 17.49 3.25 25.14
N LEU A 280 18.62 2.57 25.31
CA LEU A 280 19.61 2.95 26.35
C LEU A 280 20.74 3.77 25.77
N THR A 281 21.31 4.66 26.59
CA THR A 281 22.43 5.50 26.18
C THR A 281 23.57 5.47 27.21
N HIS A 282 24.80 5.37 26.72
CA HIS A 282 25.98 5.56 27.56
C HIS A 282 27.12 6.17 26.76
N THR A 283 28.06 6.79 27.49
CA THR A 283 29.17 7.53 26.90
C THR A 283 30.46 6.74 27.03
N LEU A 284 31.26 6.75 25.95
CA LEU A 284 32.55 6.06 25.90
C LEU A 284 33.67 7.09 25.77
N GLN A 285 34.75 6.88 26.51
CA GLN A 285 35.99 7.64 26.33
C GLN A 285 37.02 6.74 25.66
N THR A 286 37.83 7.31 24.77
CA THR A 286 38.88 6.55 24.09
C THR A 286 40.19 7.33 23.99
N SER A 287 41.28 6.61 23.73
CA SER A 287 42.58 7.23 23.48
C SER A 287 43.46 6.29 22.67
N TYR A 288 44.44 6.86 21.98
CA TYR A 288 45.35 6.10 21.13
C TYR A 288 46.60 5.67 21.90
N GLY A 289 47.07 4.46 21.64
CA GLY A 289 48.34 3.96 22.17
C GLY A 289 49.38 3.95 21.06
N GLU A 290 50.25 2.96 21.08
CA GLU A 290 51.31 2.87 20.06
C GLU A 290 50.73 2.32 18.74
N HIS A 291 51.24 2.87 17.64
CA HIS A 291 50.78 2.56 16.27
C HIS A 291 49.28 2.74 16.07
N ALA A 292 48.75 3.83 16.62
CA ALA A 292 47.36 4.24 16.40
C ALA A 292 46.32 3.18 16.81
N VAL A 293 46.66 2.35 17.79
CA VAL A 293 45.72 1.40 18.36
C VAL A 293 44.87 2.14 19.37
N LEU A 294 43.56 2.11 19.18
CA LEU A 294 42.63 2.81 20.06
C LEU A 294 42.23 1.92 21.22
N THR A 295 42.16 2.50 22.41
CA THR A 295 41.70 1.79 23.60
C THR A 295 40.46 2.48 24.14
N ILE A 296 39.44 1.67 24.43
CA ILE A 296 38.21 2.18 25.05
C ILE A 296 38.40 2.13 26.56
N HIS A 297 38.24 3.28 27.22
CA HIS A 297 38.41 3.36 28.67
C HIS A 297 37.25 2.67 29.41
N THR A 298 37.53 2.23 30.62
CA THR A 298 36.58 1.50 31.46
C THR A 298 36.41 2.20 32.81
N GLN A 313 22.72 2.26 33.66
CA GLN A 313 21.69 2.22 32.62
C GLN A 313 20.79 3.45 32.69
N THR A 314 20.82 4.27 31.64
CA THR A 314 19.91 5.42 31.52
C THR A 314 19.16 5.34 30.18
N VAL A 315 17.85 5.59 30.24
CA VAL A 315 17.01 5.53 29.04
C VAL A 315 16.98 6.88 28.32
N ILE A 316 16.61 6.85 27.05
CA ILE A 316 16.54 8.05 26.21
C ILE A 316 15.19 8.10 25.49
N LYS A 317 14.55 9.27 25.52
CA LYS A 317 13.28 9.48 24.82
C LYS A 317 13.51 9.74 23.33
N ASN A 318 12.42 9.84 22.56
CA ASN A 318 12.51 10.04 21.10
C ASN A 318 13.06 11.42 20.68
N ASP A 319 12.68 12.48 21.40
CA ASP A 319 13.18 13.83 21.08
C ASP A 319 14.70 13.96 21.29
N GLU A 320 15.22 13.30 22.31
CA GLU A 320 16.66 13.21 22.53
C GLU A 320 17.34 12.41 21.41
N LEU A 321 16.67 11.36 20.95
CA LEU A 321 17.18 10.51 19.88
C LEU A 321 17.27 11.30 18.57
N GLU A 322 16.18 11.96 18.19
CA GLU A 322 16.15 12.78 16.98
C GLU A 322 17.14 13.94 17.05
N SER A 323 17.37 14.46 18.25
CA SER A 323 18.37 15.50 18.47
C SER A 323 19.77 14.99 18.15
N VAL A 324 20.05 13.75 18.57
CA VAL A 324 21.33 13.11 18.26
C VAL A 324 21.48 12.86 16.76
N LEU A 325 20.41 12.41 16.10
CA LEU A 325 20.45 12.16 14.65
C LEU A 325 20.69 13.43 13.83
N ARG A 326 20.24 14.58 14.34
CA ARG A 326 20.37 15.84 13.61
C ARG A 326 21.80 16.40 13.57
N ARG A 327 22.73 15.73 14.23
CA ARG A 327 24.16 16.08 14.13
C ARG A 327 24.77 15.55 12.83
N LEU A 328 24.12 14.57 12.21
CA LEU A 328 24.58 14.03 10.93
C LEU A 328 24.31 14.96 9.73
N THR A 329 23.77 16.16 9.97
CA THR A 329 23.51 17.09 8.87
C THR A 329 24.80 17.57 8.21
N MET B 1 -18.09 -6.29 -8.72
CA MET B 1 -19.06 -5.97 -9.82
C MET B 1 -19.63 -4.56 -9.65
N ILE B 2 -20.43 -4.14 -10.63
CA ILE B 2 -21.13 -2.85 -10.55
C ILE B 2 -22.53 -3.04 -9.96
N HIS B 3 -23.05 -1.96 -9.39
CA HIS B 3 -24.38 -1.97 -8.78
C HIS B 3 -25.23 -0.85 -9.34
N LEU B 4 -26.51 -1.14 -9.55
CA LEU B 4 -27.47 -0.14 -10.02
C LEU B 4 -28.30 0.36 -8.85
N TYR B 5 -28.60 1.67 -8.85
CA TYR B 5 -29.41 2.26 -7.79
C TYR B 5 -30.42 3.27 -8.32
N ASP B 6 -31.51 3.40 -7.59
CA ASP B 6 -32.38 4.58 -7.67
C ASP B 6 -32.42 5.19 -6.26
N ALA B 7 -33.21 6.24 -6.07
CA ALA B 7 -33.32 6.88 -4.76
C ALA B 7 -33.61 5.86 -3.65
N LYS B 8 -34.56 4.96 -3.90
CA LYS B 8 -35.04 4.02 -2.90
C LYS B 8 -34.01 2.95 -2.53
N SER B 9 -33.44 2.26 -3.51
CA SER B 9 -32.43 1.23 -3.25
C SER B 9 -31.14 1.82 -2.68
N PHE B 10 -30.83 3.07 -3.05
CA PHE B 10 -29.67 3.77 -2.50
C PHE B 10 -29.90 4.13 -1.02
N ALA B 11 -31.11 4.56 -0.69
CA ALA B 11 -31.48 4.83 0.69
C ALA B 11 -31.34 3.59 1.57
N LYS B 12 -31.76 2.43 1.05
CA LYS B 12 -31.59 1.14 1.75
C LYS B 12 -30.12 0.81 2.01
N LEU B 13 -29.28 0.98 0.99
CA LEU B 13 -27.84 0.74 1.14
C LEU B 13 -27.27 1.61 2.26
N ARG B 14 -27.61 2.89 2.23
CA ARG B 14 -27.15 3.82 3.28
C ARG B 14 -27.57 3.36 4.67
N ALA B 15 -28.81 2.92 4.82
CA ALA B 15 -29.30 2.40 6.10
C ALA B 15 -28.51 1.14 6.50
N ALA B 16 -28.30 0.24 5.55
CA ALA B 16 -27.57 -1.00 5.80
C ALA B 16 -26.10 -0.73 6.15
N GLN B 17 -25.51 0.27 5.51
CA GLN B 17 -24.14 0.70 5.82
C GLN B 17 -24.05 1.27 7.23
N TYR B 18 -25.01 2.11 7.60
CA TYR B 18 -25.08 2.67 8.94
C TYR B 18 -25.16 1.54 9.98
N ALA B 19 -26.02 0.56 9.74
CA ALA B 19 -26.15 -0.58 10.65
C ALA B 19 -24.88 -1.42 10.75
N ALA B 20 -24.16 -1.58 9.64
CA ALA B 20 -22.96 -2.41 9.61
C ALA B 20 -21.90 -1.93 10.59
N PHE B 21 -21.87 -0.62 10.86
CA PHE B 21 -20.96 -0.07 11.86
C PHE B 21 -21.62 0.17 13.21
N HIS B 22 -22.80 0.80 13.21
CA HIS B 22 -23.40 1.34 14.43
C HIS B 22 -24.25 0.37 15.26
N THR B 23 -24.92 -0.58 14.61
CA THR B 23 -25.89 -1.43 15.32
C THR B 23 -25.59 -2.93 15.28
N ASP B 24 -24.96 -3.42 14.22
CA ASP B 24 -24.57 -4.82 14.16
C ASP B 24 -23.70 -5.21 15.36
N ALA B 25 -23.77 -6.47 15.76
CA ALA B 25 -22.95 -6.98 16.85
C ALA B 25 -21.48 -6.96 16.43
N PRO B 26 -20.58 -6.53 17.34
CA PRO B 26 -19.15 -6.51 17.00
C PRO B 26 -18.63 -7.91 16.68
N GLY B 27 -17.92 -8.04 15.56
CA GLY B 27 -17.39 -9.32 15.11
C GLY B 27 -18.34 -10.12 14.24
N SER B 28 -19.57 -9.64 14.07
CA SER B 28 -20.59 -10.36 13.28
C SER B 28 -20.13 -10.66 11.87
N TRP B 29 -19.64 -9.63 11.20
CA TRP B 29 -19.30 -9.72 9.79
C TRP B 29 -18.18 -10.74 9.57
N PHE B 30 -17.17 -10.71 10.45
CA PHE B 30 -16.09 -11.67 10.43
C PHE B 30 -16.65 -13.10 10.50
N ASP B 31 -17.55 -13.34 11.44
CA ASP B 31 -18.17 -14.65 11.60
C ASP B 31 -18.96 -15.05 10.35
N HIS B 32 -19.63 -14.10 9.73
CA HIS B 32 -20.37 -14.37 8.50
C HIS B 32 -19.43 -14.74 7.35
N THR B 33 -18.37 -13.95 7.16
CA THR B 33 -17.43 -14.22 6.07
C THR B 33 -16.61 -15.49 6.31
N SER B 34 -16.41 -15.84 7.57
CA SER B 34 -15.80 -17.13 7.91
C SER B 34 -16.66 -18.26 7.36
N GLY B 35 -17.97 -18.16 7.59
CA GLY B 35 -18.92 -19.15 7.08
C GLY B 35 -18.92 -19.24 5.56
N VAL B 36 -18.80 -18.09 4.89
CA VAL B 36 -18.74 -18.05 3.43
C VAL B 36 -17.49 -18.77 2.94
N LEU B 37 -16.35 -18.43 3.53
CA LEU B 37 -15.07 -19.08 3.18
C LEU B 37 -15.10 -20.58 3.44
N GLU B 38 -15.68 -20.99 4.58
CA GLU B 38 -15.79 -22.42 4.92
C GLU B 38 -16.65 -23.20 3.93
N SER B 39 -17.65 -22.55 3.34
CA SER B 39 -18.56 -23.20 2.37
C SER B 39 -17.95 -23.36 0.98
N VAL B 40 -16.84 -22.66 0.72
CA VAL B 40 -16.11 -22.81 -0.54
C VAL B 40 -15.57 -24.24 -0.64
N GLU B 41 -15.87 -24.92 -1.74
CA GLU B 41 -15.39 -26.28 -1.95
C GLU B 41 -13.85 -26.30 -1.98
N ASP B 42 -13.29 -27.37 -1.42
CA ASP B 42 -11.85 -27.38 -1.08
C ASP B 42 -10.97 -27.30 -2.33
N GLY B 43 -9.97 -26.45 -2.26
CA GLY B 43 -9.03 -26.25 -3.38
C GLY B 43 -9.32 -25.02 -4.23
N THR B 44 -10.50 -24.43 -4.05
CA THR B 44 -10.88 -23.23 -4.80
C THR B 44 -10.14 -22.00 -4.26
N PRO B 45 -9.51 -21.23 -5.15
CA PRO B 45 -8.86 -19.97 -4.76
C PRO B 45 -9.84 -18.98 -4.13
N VAL B 46 -9.44 -18.37 -3.03
CA VAL B 46 -10.26 -17.37 -2.36
C VAL B 46 -9.59 -16.00 -2.23
N LEU B 47 -8.26 -15.96 -2.23
CA LEU B 47 -7.52 -14.72 -2.00
C LEU B 47 -6.25 -14.67 -2.83
N ALA B 48 -6.04 -13.54 -3.49
CA ALA B 48 -4.80 -13.30 -4.24
C ALA B 48 -4.18 -12.01 -3.74
N ILE B 49 -2.88 -12.05 -3.46
CA ILE B 49 -2.14 -10.90 -2.96
C ILE B 49 -0.86 -10.72 -3.75
N GLY B 50 -0.49 -9.46 -3.99
CA GLY B 50 0.65 -9.15 -4.87
C GLY B 50 1.99 -9.31 -4.18
N VAL B 51 2.92 -9.98 -4.85
CA VAL B 51 4.30 -10.09 -4.37
C VAL B 51 5.14 -8.93 -4.91
N GLU B 52 6.38 -8.83 -4.45
CA GLU B 52 7.28 -7.70 -4.77
C GLU B 52 7.29 -7.31 -6.25
N SER B 53 7.30 -8.29 -7.14
CA SER B 53 7.36 -8.04 -8.58
C SER B 53 6.08 -7.41 -9.15
N GLY B 54 4.95 -7.67 -8.51
CA GLY B 54 3.65 -7.23 -9.02
C GLY B 54 2.79 -8.40 -9.49
N ASP B 55 3.41 -9.57 -9.65
CA ASP B 55 2.67 -10.82 -9.81
C ASP B 55 1.92 -11.09 -8.51
N ALA B 56 1.05 -12.08 -8.50
CA ALA B 56 0.24 -12.40 -7.33
C ALA B 56 0.35 -13.86 -6.95
N ILE B 57 0.35 -14.12 -5.64
CA ILE B 57 0.24 -15.49 -5.11
C ILE B 57 -1.17 -15.70 -4.60
N VAL B 58 -1.60 -16.97 -4.59
CA VAL B 58 -3.01 -17.30 -4.38
C VAL B 58 -3.17 -18.32 -3.25
N PHE B 59 -4.19 -18.12 -2.41
CA PHE B 59 -4.43 -18.99 -1.26
C PHE B 59 -5.84 -19.56 -1.26
N ASP B 60 -5.99 -20.77 -0.71
CA ASP B 60 -7.30 -21.38 -0.53
C ASP B 60 -7.88 -21.00 0.83
N LYS B 61 -9.00 -21.60 1.20
CA LYS B 61 -9.69 -21.27 2.45
C LYS B 61 -8.91 -21.64 3.72
N ASN B 62 -8.01 -22.62 3.61
CA ASN B 62 -7.19 -23.04 4.74
C ASN B 62 -5.87 -22.29 4.84
N ALA B 63 -5.73 -21.22 4.07
CA ALA B 63 -4.50 -20.43 4.04
C ALA B 63 -3.32 -21.23 3.46
N GLN B 64 -3.63 -22.18 2.58
CA GLN B 64 -2.61 -22.96 1.88
C GLN B 64 -2.41 -22.36 0.49
N ARG B 65 -1.15 -22.13 0.13
CA ARG B 65 -0.82 -21.53 -1.15
C ARG B 65 -1.10 -22.52 -2.28
N ILE B 66 -1.68 -22.04 -3.37
CA ILE B 66 -2.04 -22.86 -4.51
C ILE B 66 -0.97 -22.73 -5.58
N VAL B 67 -0.32 -23.84 -5.92
CA VAL B 67 0.73 -23.86 -6.93
C VAL B 67 0.17 -23.97 -8.35
N ALA B 68 -0.87 -24.78 -8.51
CA ALA B 68 -1.48 -25.02 -9.82
C ALA B 68 -2.99 -25.13 -9.70
N TYR B 69 -3.70 -24.57 -10.69
CA TYR B 69 -5.15 -24.57 -10.70
C TYR B 69 -5.65 -24.36 -12.13
N LYS B 70 -6.45 -25.30 -12.61
CA LYS B 70 -6.99 -25.25 -13.97
C LYS B 70 -7.83 -23.99 -14.16
N GLU B 71 -7.80 -23.43 -15.37
CA GLU B 71 -8.64 -22.27 -15.71
C GLU B 71 -10.10 -22.58 -15.40
N LYS B 72 -10.79 -21.62 -14.80
CA LYS B 72 -12.15 -21.84 -14.33
C LYS B 72 -12.93 -20.52 -14.37
N SER B 73 -13.98 -20.48 -15.19
CA SER B 73 -14.77 -19.26 -15.39
C SER B 73 -16.05 -19.32 -14.59
N VAL B 74 -16.26 -18.32 -13.74
CA VAL B 74 -17.47 -18.20 -12.94
C VAL B 74 -18.26 -16.97 -13.38
N LYS B 75 -19.52 -17.19 -13.75
CA LYS B 75 -20.40 -16.11 -14.21
C LYS B 75 -21.20 -15.54 -13.04
N ALA B 76 -21.09 -14.23 -12.82
CA ALA B 76 -21.83 -13.55 -11.75
C ALA B 76 -23.28 -13.30 -12.18
N GLU B 77 -24.04 -12.66 -11.30
CA GLU B 77 -25.46 -12.39 -11.55
C GLU B 77 -25.66 -11.35 -12.64
N ASP B 78 -24.87 -10.27 -12.59
CA ASP B 78 -24.97 -9.16 -13.54
C ASP B 78 -24.46 -9.50 -14.95
N GLY B 79 -23.88 -10.69 -15.13
CA GLY B 79 -23.37 -11.13 -16.42
C GLY B 79 -21.86 -11.10 -16.50
N SER B 80 -21.21 -10.44 -15.55
CA SER B 80 -19.75 -10.31 -15.53
C SER B 80 -19.08 -11.65 -15.19
N VAL B 81 -18.01 -11.96 -15.93
CA VAL B 81 -17.28 -13.22 -15.76
C VAL B 81 -15.95 -13.00 -15.03
N SER B 82 -15.73 -13.79 -13.98
CA SER B 82 -14.46 -13.81 -13.27
C SER B 82 -13.74 -15.12 -13.57
N VAL B 83 -12.57 -15.04 -14.19
CA VAL B 83 -11.76 -16.22 -14.50
C VAL B 83 -10.57 -16.27 -13.56
N VAL B 84 -10.29 -17.46 -13.03
CA VAL B 84 -9.15 -17.69 -12.15
C VAL B 84 -8.29 -18.83 -12.70
N GLN B 85 -6.99 -18.60 -12.78
CA GLN B 85 -6.03 -19.60 -13.25
C GLN B 85 -4.72 -19.39 -12.52
N VAL B 86 -4.12 -20.47 -12.03
CA VAL B 86 -2.84 -20.43 -11.35
C VAL B 86 -1.90 -21.45 -11.97
N GLU B 87 -0.65 -21.04 -12.18
CA GLU B 87 0.36 -21.92 -12.77
C GLU B 87 1.75 -21.52 -12.26
N ASN B 88 2.54 -22.53 -11.88
CA ASN B 88 3.88 -22.33 -11.32
C ASN B 88 3.89 -21.40 -10.09
N GLY B 89 2.85 -21.50 -9.27
CA GLY B 89 2.75 -20.74 -8.03
C GLY B 89 2.35 -19.28 -8.17
N PHE B 90 1.93 -18.87 -9.37
CA PHE B 90 1.56 -17.49 -9.62
C PHE B 90 0.25 -17.38 -10.41
N MET B 91 -0.46 -16.27 -10.19
CA MET B 91 -1.74 -16.01 -10.84
C MET B 91 -1.56 -15.71 -12.32
N LYS B 92 -2.13 -16.57 -13.17
CA LYS B 92 -2.12 -16.36 -14.61
C LYS B 92 -3.31 -15.49 -15.02
N GLN B 93 -4.48 -15.82 -14.49
CA GLN B 93 -5.69 -15.02 -14.71
C GLN B 93 -6.39 -14.75 -13.38
N GLY B 94 -7.04 -13.60 -13.30
CA GLY B 94 -7.75 -13.20 -12.09
C GLY B 94 -7.36 -11.80 -11.67
N HIS B 95 -7.61 -11.49 -10.40
CA HIS B 95 -7.31 -10.17 -9.86
C HIS B 95 -6.78 -10.28 -8.44
N ARG B 96 -6.16 -9.20 -7.97
CA ARG B 96 -5.73 -9.11 -6.57
C ARG B 96 -6.95 -8.86 -5.69
N GLY B 97 -6.96 -9.47 -4.51
CA GLY B 97 -8.07 -9.31 -3.56
C GLY B 97 -8.82 -10.61 -3.38
N TRP B 98 -10.07 -10.50 -2.93
CA TRP B 98 -10.90 -11.67 -2.69
C TRP B 98 -11.45 -12.24 -3.98
N LEU B 99 -11.25 -13.54 -4.18
CA LEU B 99 -11.64 -14.22 -5.42
C LEU B 99 -13.02 -14.84 -5.33
N VAL B 100 -13.60 -14.81 -4.13
CA VAL B 100 -15.01 -15.15 -3.95
C VAL B 100 -15.73 -13.97 -3.32
N ASP B 101 -17.00 -13.81 -3.67
CA ASP B 101 -17.80 -12.70 -3.18
C ASP B 101 -18.12 -12.89 -1.70
N LEU B 102 -17.53 -12.02 -0.87
CA LEU B 102 -17.79 -12.03 0.57
C LEU B 102 -18.84 -10.99 0.96
N THR B 103 -19.24 -10.13 0.02
CA THR B 103 -20.02 -8.93 0.35
C THR B 103 -21.39 -8.82 -0.31
N GLY B 104 -21.52 -9.32 -1.54
CA GLY B 104 -22.80 -9.27 -2.25
C GLY B 104 -23.23 -7.84 -2.53
N GLU B 105 -24.45 -7.50 -2.14
CA GLU B 105 -24.95 -6.12 -2.24
C GLU B 105 -24.46 -5.23 -1.10
N LEU B 106 -23.86 -5.84 -0.08
CA LEU B 106 -23.44 -5.09 1.11
C LEU B 106 -22.01 -4.58 0.94
N VAL B 107 -21.90 -3.43 0.25
CA VAL B 107 -20.60 -2.83 -0.07
C VAL B 107 -20.53 -1.40 0.48
N GLY B 108 -19.30 -0.90 0.61
CA GLY B 108 -19.07 0.45 1.13
C GLY B 108 -19.22 0.56 2.63
N CYS B 109 -19.15 -0.58 3.31
CA CYS B 109 -19.30 -0.61 4.77
C CYS B 109 -17.96 -0.57 5.49
N SER B 110 -18.02 -0.24 6.77
CA SER B 110 -16.91 -0.43 7.69
C SER B 110 -17.42 -1.36 8.79
N PRO B 111 -17.47 -2.68 8.53
CA PRO B 111 -18.08 -3.59 9.49
C PRO B 111 -17.40 -3.51 10.86
N VAL B 112 -18.20 -3.28 11.90
CA VAL B 112 -17.68 -3.19 13.27
C VAL B 112 -16.92 -4.47 13.62
N VAL B 113 -15.66 -4.31 14.04
CA VAL B 113 -14.79 -5.45 14.36
C VAL B 113 -14.78 -5.77 15.86
N ALA B 114 -14.91 -4.74 16.70
CA ALA B 114 -14.93 -4.92 18.14
C ALA B 114 -15.42 -3.65 18.82
N GLU B 115 -15.75 -3.78 20.10
CA GLU B 115 -16.14 -2.65 20.94
C GLU B 115 -15.28 -2.68 22.19
N PHE B 116 -14.64 -1.56 22.50
CA PHE B 116 -13.75 -1.47 23.65
C PHE B 116 -13.84 -0.09 24.29
N GLY B 117 -13.96 -0.08 25.62
CA GLY B 117 -13.98 1.17 26.39
C GLY B 117 -15.07 2.15 26.00
N GLY B 118 -16.21 1.62 25.55
CA GLY B 118 -17.34 2.44 25.13
C GLY B 118 -17.30 2.95 23.69
N HIS B 119 -16.32 2.49 22.91
CA HIS B 119 -16.18 2.92 21.51
C HIS B 119 -16.19 1.71 20.59
N ARG B 120 -16.84 1.87 19.43
CA ARG B 120 -16.86 0.84 18.40
C ARG B 120 -15.70 1.09 17.44
N TYR B 121 -14.99 0.03 17.07
CA TYR B 121 -13.87 0.12 16.15
C TYR B 121 -14.20 -0.59 14.85
N ALA B 122 -13.71 -0.02 13.75
CA ALA B 122 -13.98 -0.52 12.42
C ALA B 122 -13.00 -1.61 12.01
N SER B 123 -13.46 -2.50 11.13
CA SER B 123 -12.57 -3.43 10.44
C SER B 123 -11.87 -2.66 9.32
N GLY B 124 -11.04 -3.34 8.54
CA GLY B 124 -10.22 -2.67 7.53
C GLY B 124 -8.83 -2.42 8.07
N MET B 125 -8.11 -1.45 7.50
CA MET B 125 -6.78 -1.13 8.02
C MET B 125 -6.78 0.09 8.91
N VAL B 126 -6.17 -0.07 10.08
CA VAL B 126 -5.87 1.03 10.98
C VAL B 126 -4.37 1.32 10.92
N ILE B 127 -4.01 2.54 10.54
CA ILE B 127 -2.62 2.95 10.58
C ILE B 127 -2.36 3.69 11.89
N VAL B 128 -1.33 3.23 12.61
CA VAL B 128 -0.88 3.88 13.83
C VAL B 128 0.40 4.65 13.52
N THR B 129 0.35 5.97 13.68
CA THR B 129 1.44 6.84 13.28
C THR B 129 1.48 8.09 14.13
N GLY B 130 2.28 9.06 13.70
CA GLY B 130 2.43 10.34 14.39
C GLY B 130 3.86 10.59 14.84
N LYS B 131 4.13 11.78 15.34
CA LYS B 131 5.44 12.13 15.87
C LYS B 131 5.35 12.31 17.38
N GLY B 132 6.47 12.66 18.01
CA GLY B 132 6.54 12.81 19.46
C GLY B 132 7.04 11.54 20.12
N ASN B 133 6.95 11.50 21.45
CA ASN B 133 7.56 10.44 22.24
C ASN B 133 6.68 9.21 22.48
N SER B 134 5.42 9.27 22.04
CA SER B 134 4.50 8.16 22.26
C SER B 134 4.83 7.00 21.33
N GLY B 135 5.10 5.83 21.91
CA GLY B 135 5.56 4.67 21.15
C GLY B 135 4.48 3.97 20.35
N LYS B 136 4.79 3.65 19.09
CA LYS B 136 3.85 2.99 18.20
C LYS B 136 3.70 1.50 18.51
N THR B 137 4.83 0.82 18.67
CA THR B 137 4.82 -0.62 18.87
C THR B 137 4.02 -1.06 20.11
N PRO B 138 4.24 -0.41 21.27
CA PRO B 138 3.43 -0.78 22.44
C PRO B 138 1.93 -0.51 22.24
N LEU B 139 1.60 0.53 21.47
CA LEU B 139 0.20 0.87 21.22
C LEU B 139 -0.49 -0.18 20.36
N VAL B 140 0.15 -0.63 19.28
CA VAL B 140 -0.47 -1.61 18.39
C VAL B 140 -0.72 -2.96 19.09
N HIS B 141 0.19 -3.35 19.98
CA HIS B 141 0.00 -4.59 20.76
C HIS B 141 -1.11 -4.45 21.78
N ALA B 142 -1.23 -3.27 22.38
CA ALA B 142 -2.32 -2.99 23.31
C ALA B 142 -3.66 -2.98 22.59
N LEU B 143 -3.68 -2.39 21.39
CA LEU B 143 -4.88 -2.31 20.59
C LEU B 143 -5.28 -3.71 20.09
N GLY B 144 -4.28 -4.48 19.66
CA GLY B 144 -4.52 -5.86 19.24
C GLY B 144 -5.13 -6.72 20.33
N GLU B 145 -4.64 -6.57 21.55
CA GLU B 145 -5.18 -7.30 22.70
C GLU B 145 -6.59 -6.83 23.02
N ALA B 146 -6.79 -5.52 23.04
CA ALA B 146 -8.08 -4.93 23.40
C ALA B 146 -9.19 -5.30 22.42
N LEU B 147 -8.92 -5.14 21.12
CA LEU B 147 -9.89 -5.48 20.08
C LEU B 147 -10.04 -6.99 19.92
N GLY B 148 -9.00 -7.74 20.26
CA GLY B 148 -9.08 -9.20 20.30
C GLY B 148 -10.18 -9.65 21.25
N GLY B 149 -10.22 -9.02 22.43
CA GLY B 149 -11.21 -9.33 23.45
C GLY B 149 -11.01 -10.74 23.98
N LYS B 150 -11.93 -11.63 23.60
CA LYS B 150 -11.87 -13.03 24.01
C LYS B 150 -10.86 -13.80 23.16
N ASP B 151 -10.55 -13.25 21.98
CA ASP B 151 -9.69 -13.91 21.01
C ASP B 151 -8.27 -13.37 21.03
N LYS B 152 -7.32 -14.26 20.74
CA LYS B 152 -5.93 -13.86 20.54
C LYS B 152 -5.79 -13.12 19.21
N TYR B 153 -4.90 -12.14 19.19
CA TYR B 153 -4.61 -11.40 17.95
C TYR B 153 -3.34 -11.94 17.30
N ALA B 154 -3.25 -11.78 15.98
CA ALA B 154 -2.12 -12.29 15.21
C ALA B 154 -1.12 -11.18 14.98
N THR B 155 0.16 -11.50 15.09
CA THR B 155 1.22 -10.53 14.86
C THR B 155 2.04 -10.92 13.64
N VAL B 156 2.09 -10.00 12.66
CA VAL B 156 2.98 -10.12 11.52
C VAL B 156 4.14 -9.18 11.78
N ARG B 157 5.36 -9.72 11.76
CA ARG B 157 6.55 -8.92 11.99
C ARG B 157 7.32 -8.73 10.69
N PHE B 158 7.78 -7.50 10.47
CA PHE B 158 8.46 -7.16 9.22
C PHE B 158 9.36 -5.93 9.34
N GLY B 159 10.61 -6.10 8.94
CA GLY B 159 11.49 -4.98 8.65
C GLY B 159 11.99 -4.19 9.84
N GLU B 160 12.45 -4.89 10.87
CA GLU B 160 13.15 -4.27 12.00
C GLU B 160 14.42 -5.09 12.27
N PRO B 161 15.49 -4.43 12.75
CA PRO B 161 16.77 -5.09 13.00
C PRO B 161 16.80 -5.82 14.35
N LEU B 162 15.83 -6.70 14.58
CA LEU B 162 15.69 -7.44 15.83
C LEU B 162 15.50 -8.92 15.53
N SER B 163 15.64 -9.76 16.54
CA SER B 163 15.66 -11.21 16.35
C SER B 163 14.34 -11.74 15.77
N GLY B 164 14.45 -12.65 14.82
CA GLY B 164 13.29 -13.34 14.26
C GLY B 164 12.46 -12.56 13.26
N TYR B 165 12.83 -11.31 13.00
CA TYR B 165 12.10 -10.47 12.05
C TYR B 165 12.44 -10.84 10.62
N ASN B 166 11.41 -11.25 9.87
CA ASN B 166 11.51 -11.38 8.42
C ASN B 166 11.68 -10.00 7.77
N THR B 167 12.50 -9.93 6.72
CA THR B 167 12.71 -8.69 5.98
C THR B 167 12.46 -8.85 4.47
N ASP B 168 11.93 -10.00 4.08
CA ASP B 168 11.61 -10.30 2.67
C ASP B 168 10.12 -10.05 2.42
N PHE B 169 9.83 -9.13 1.51
CA PHE B 169 8.45 -8.71 1.23
C PHE B 169 7.52 -9.86 0.86
N ASN B 170 8.03 -10.85 0.14
CA ASN B 170 7.21 -11.96 -0.31
C ASN B 170 6.74 -12.89 0.81
N VAL B 171 7.57 -13.03 1.85
CA VAL B 171 7.17 -13.75 3.07
C VAL B 171 6.15 -12.92 3.85
N PHE B 172 6.36 -11.61 3.90
CA PHE B 172 5.47 -10.66 4.57
C PHE B 172 4.02 -10.75 4.08
N VAL B 173 3.82 -10.74 2.76
CA VAL B 173 2.48 -10.84 2.19
C VAL B 173 1.85 -12.23 2.39
N ASP B 174 2.69 -13.25 2.45
CA ASP B 174 2.25 -14.60 2.75
C ASP B 174 1.70 -14.65 4.19
N ASP B 175 2.42 -14.04 5.12
CA ASP B 175 1.97 -13.93 6.51
C ASP B 175 0.64 -13.17 6.61
N ILE B 176 0.54 -12.05 5.91
CA ILE B 176 -0.68 -11.21 5.93
C ILE B 176 -1.91 -11.96 5.42
N ALA B 177 -1.77 -12.62 4.27
CA ALA B 177 -2.87 -13.39 3.69
C ALA B 177 -3.39 -14.42 4.67
N ARG B 178 -2.47 -15.18 5.25
CA ARG B 178 -2.81 -16.18 6.24
C ARG B 178 -3.50 -15.57 7.45
N ALA B 179 -3.01 -14.43 7.92
CA ALA B 179 -3.58 -13.76 9.07
C ALA B 179 -5.04 -13.34 8.80
N MET B 180 -5.28 -12.71 7.66
CA MET B 180 -6.63 -12.27 7.31
C MET B 180 -7.57 -13.45 7.03
N LEU B 181 -7.02 -14.56 6.55
CA LEU B 181 -7.82 -15.77 6.31
C LEU B 181 -8.27 -16.48 7.58
N GLN B 182 -7.53 -16.28 8.69
CA GLN B 182 -7.77 -17.06 9.90
C GLN B 182 -8.05 -16.28 11.19
N HIS B 183 -7.85 -14.96 11.18
CA HIS B 183 -7.97 -14.17 12.42
C HIS B 183 -8.63 -12.81 12.21
N ARG B 184 -9.41 -12.40 13.20
CA ARG B 184 -10.18 -11.14 13.16
C ARG B 184 -9.31 -9.92 13.47
N VAL B 185 -8.32 -10.08 14.35
CA VAL B 185 -7.48 -8.97 14.77
C VAL B 185 -6.03 -9.28 14.45
N ILE B 186 -5.40 -8.37 13.72
CA ILE B 186 -4.07 -8.59 13.17
C ILE B 186 -3.22 -7.35 13.40
N VAL B 187 -2.00 -7.56 13.89
CA VAL B 187 -1.03 -6.50 14.11
C VAL B 187 0.12 -6.63 13.12
N ILE B 188 0.48 -5.51 12.47
CA ILE B 188 1.65 -5.46 11.60
C ILE B 188 2.68 -4.51 12.19
N ASP B 189 3.89 -5.02 12.41
CA ASP B 189 5.01 -4.22 12.89
C ASP B 189 6.24 -4.60 12.07
N SER B 190 6.70 -3.73 11.16
CA SER B 190 6.10 -2.44 10.85
C SER B 190 5.89 -2.27 9.35
N LEU B 191 5.30 -1.14 8.99
CA LEU B 191 4.96 -0.81 7.61
C LEU B 191 5.99 0.18 7.02
N LYS B 192 7.18 0.24 7.61
CA LYS B 192 8.21 1.18 7.21
C LYS B 192 8.91 0.79 5.90
N ASN B 193 9.25 -0.49 5.77
CA ASN B 193 9.98 -0.98 4.59
C ASN B 193 9.13 -1.07 3.32
N VAL B 194 7.79 -1.10 3.46
CA VAL B 194 6.92 -1.03 2.28
C VAL B 194 6.86 0.41 1.77
N ILE B 195 6.92 1.36 2.70
CA ILE B 195 7.06 2.78 2.39
C ILE B 195 8.51 3.07 2.01
N ILE B 207 9.80 2.65 -4.82
CA ILE B 207 8.94 1.63 -4.21
C ILE B 207 8.51 0.59 -5.24
N SER B 208 8.49 -0.67 -4.80
CA SER B 208 8.17 -1.81 -5.67
C SER B 208 6.69 -1.86 -5.99
N ARG B 209 6.36 -2.62 -7.03
CA ARG B 209 4.97 -2.79 -7.45
C ARG B 209 4.15 -3.46 -6.36
N GLY B 210 4.70 -4.50 -5.76
CA GLY B 210 4.04 -5.19 -4.64
C GLY B 210 3.70 -4.28 -3.49
N ALA B 211 4.63 -3.41 -3.12
CA ALA B 211 4.44 -2.47 -2.01
C ALA B 211 3.31 -1.48 -2.28
N PHE B 212 3.27 -0.92 -3.49
CA PHE B 212 2.19 -0.01 -3.90
C PHE B 212 0.85 -0.73 -3.91
N ASP B 213 0.83 -1.95 -4.44
CA ASP B 213 -0.37 -2.78 -4.46
C ASP B 213 -0.90 -3.02 -3.05
N LEU B 214 0.00 -3.42 -2.14
CA LEU B 214 -0.39 -3.73 -0.78
C LEU B 214 -1.05 -2.55 -0.09
N LEU B 215 -0.45 -1.36 -0.25
CA LEU B 215 -0.98 -0.14 0.35
C LEU B 215 -2.39 0.18 -0.15
N SER B 216 -2.63 -0.05 -1.43
CA SER B 216 -3.94 0.22 -2.01
C SER B 216 -4.96 -0.91 -1.82
N ASP B 217 -4.49 -2.12 -1.51
CA ASP B 217 -5.35 -3.31 -1.44
C ASP B 217 -5.82 -3.69 -0.04
N ILE B 218 -4.94 -3.54 0.94
CA ILE B 218 -5.11 -4.22 2.23
C ILE B 218 -6.33 -3.74 3.02
N GLY B 219 -6.59 -2.44 2.98
CA GLY B 219 -7.76 -1.87 3.65
C GLY B 219 -9.06 -2.50 3.17
N ALA B 220 -9.18 -2.65 1.86
CA ALA B 220 -10.38 -3.22 1.25
C ALA B 220 -10.49 -4.71 1.53
N MET B 221 -9.37 -5.42 1.45
CA MET B 221 -9.32 -6.83 1.77
C MET B 221 -9.84 -7.08 3.18
N ALA B 222 -9.39 -6.25 4.13
CA ALA B 222 -9.72 -6.43 5.54
C ALA B 222 -11.16 -6.05 5.84
N ALA B 223 -11.62 -4.91 5.31
CA ALA B 223 -13.00 -4.47 5.50
C ALA B 223 -13.99 -5.47 4.94
N SER B 224 -13.67 -6.06 3.79
CA SER B 224 -14.50 -7.11 3.20
C SER B 224 -14.55 -8.36 4.08
N ARG B 225 -13.43 -8.70 4.72
CA ARG B 225 -13.35 -9.86 5.60
C ARG B 225 -14.05 -9.59 6.91
N GLY B 226 -14.01 -8.34 7.37
CA GLY B 226 -14.49 -7.99 8.70
C GLY B 226 -13.40 -8.11 9.74
N CYS B 227 -12.15 -8.22 9.29
CA CYS B 227 -10.99 -8.25 10.18
C CYS B 227 -10.32 -6.89 10.21
N VAL B 228 -9.52 -6.64 11.24
CA VAL B 228 -8.83 -5.37 11.38
C VAL B 228 -7.32 -5.59 11.33
N VAL B 229 -6.64 -4.77 10.53
CA VAL B 229 -5.18 -4.81 10.43
C VAL B 229 -4.61 -3.53 11.04
N ILE B 230 -3.93 -3.69 12.17
CA ILE B 230 -3.39 -2.57 12.93
C ILE B 230 -1.90 -2.48 12.62
N ALA B 231 -1.52 -1.47 11.83
CA ALA B 231 -0.16 -1.36 11.32
C ALA B 231 0.54 -0.13 11.86
N SER B 232 1.74 -0.31 12.40
CA SER B 232 2.56 0.81 12.85
C SER B 232 3.30 1.42 11.67
N LEU B 233 3.42 2.74 11.70
CA LEU B 233 4.10 3.47 10.65
C LEU B 233 4.77 4.70 11.24
N ASN B 234 6.04 4.56 11.62
CA ASN B 234 6.81 5.67 12.16
C ASN B 234 7.21 6.61 11.02
N PRO B 235 6.69 7.85 11.03
CA PRO B 235 7.07 8.80 9.99
C PRO B 235 8.46 9.38 10.28
N THR B 236 9.48 8.68 9.79
CA THR B 236 10.87 8.97 10.15
C THR B 236 11.48 10.13 9.34
N SER B 237 11.74 9.89 8.05
CA SER B 237 12.50 10.83 7.23
C SER B 237 11.72 12.09 6.86
N ASN B 238 12.46 13.15 6.54
CA ASN B 238 11.87 14.44 6.18
C ASN B 238 11.80 14.67 4.66
N ASP B 239 12.18 13.67 3.86
CA ASP B 239 12.15 13.85 2.39
C ASP B 239 10.69 14.11 1.94
N ASP B 240 10.51 15.22 1.23
CA ASP B 240 9.20 15.80 0.99
C ASP B 240 8.20 14.96 0.19
N LYS B 241 8.67 13.95 -0.54
CA LYS B 241 7.75 13.11 -1.33
C LYS B 241 7.31 11.91 -0.52
N ILE B 242 8.20 11.39 0.33
CA ILE B 242 7.86 10.24 1.15
C ILE B 242 6.86 10.55 2.28
N VAL B 243 6.94 11.75 2.85
CA VAL B 243 6.01 12.19 3.88
C VAL B 243 4.58 12.33 3.33
N GLU B 244 4.46 12.65 2.04
CA GLU B 244 3.14 12.72 1.39
C GLU B 244 2.58 11.32 1.17
N LEU B 245 3.47 10.35 0.97
CA LEU B 245 3.07 8.96 0.84
C LEU B 245 2.60 8.40 2.19
N VAL B 246 3.19 8.89 3.27
CA VAL B 246 2.73 8.59 4.63
C VAL B 246 1.36 9.25 4.88
N LYS B 247 1.22 10.51 4.47
CA LYS B 247 -0.04 11.24 4.58
C LYS B 247 -1.16 10.63 3.73
N GLU B 248 -0.81 10.13 2.55
CA GLU B 248 -1.78 9.53 1.63
C GLU B 248 -2.24 8.17 2.16
N ALA B 249 -1.30 7.41 2.71
CA ALA B 249 -1.61 6.14 3.35
C ALA B 249 -2.49 6.34 4.58
N SER B 250 -2.22 7.41 5.33
CA SER B 250 -2.96 7.73 6.55
C SER B 250 -4.35 8.27 6.24
N ARG B 251 -4.44 9.14 5.25
CA ARG B 251 -5.69 9.81 4.91
C ARG B 251 -6.67 8.89 4.17
N SER B 252 -6.21 8.28 3.09
CA SER B 252 -7.12 7.64 2.13
C SER B 252 -6.95 6.13 1.92
N ASN B 253 -5.82 5.55 2.34
CA ASN B 253 -5.65 4.09 2.24
C ASN B 253 -5.99 3.32 3.52
N SER B 254 -6.20 4.06 4.60
CA SER B 254 -6.58 3.45 5.87
C SER B 254 -8.05 3.71 6.18
N THR B 255 -8.72 2.70 6.73
CA THR B 255 -10.09 2.83 7.16
C THR B 255 -10.17 3.67 8.44
N SER B 256 -9.24 3.45 9.35
CA SER B 256 -9.11 4.27 10.56
C SER B 256 -7.68 4.80 10.71
N LEU B 257 -7.54 5.88 11.46
CA LEU B 257 -6.23 6.47 11.75
C LEU B 257 -6.07 6.68 13.25
N VAL B 258 -4.97 6.15 13.80
CA VAL B 258 -4.63 6.35 15.20
C VAL B 258 -3.32 7.13 15.24
N ILE B 259 -3.37 8.36 15.77
CA ILE B 259 -2.24 9.27 15.69
C ILE B 259 -1.92 9.88 17.06
N SER B 260 -0.62 9.98 17.36
CA SER B 260 -0.16 10.52 18.64
C SER B 260 -0.40 12.02 18.74
N THR B 261 -0.33 12.55 19.95
CA THR B 261 -0.62 13.95 20.22
C THR B 261 0.54 14.64 20.94
N ASP B 262 0.33 15.90 21.33
CA ASP B 262 1.33 16.67 22.06
C ASP B 262 1.65 16.08 23.43
N VAL B 263 0.66 15.40 24.03
CA VAL B 263 0.82 14.82 25.35
C VAL B 263 1.18 13.34 25.21
N ASP B 264 2.21 12.91 25.93
CA ASP B 264 2.68 11.54 25.87
C ASP B 264 1.65 10.57 26.42
N GLY B 265 1.43 9.47 25.70
CA GLY B 265 0.45 8.46 26.10
C GLY B 265 -0.93 8.68 25.53
N GLU B 266 -1.19 9.88 25.00
CA GLU B 266 -2.50 10.25 24.50
C GLU B 266 -2.57 10.14 22.98
N TRP B 267 -3.64 9.51 22.48
CA TRP B 267 -3.81 9.26 21.05
C TRP B 267 -5.21 9.67 20.59
N GLN B 268 -5.31 10.15 19.35
CA GLN B 268 -6.60 10.40 18.71
C GLN B 268 -6.92 9.29 17.73
N VAL B 269 -8.18 8.85 17.72
CA VAL B 269 -8.64 7.83 16.80
C VAL B 269 -9.64 8.46 15.84
N LEU B 270 -9.38 8.32 14.54
CA LEU B 270 -10.25 8.84 13.52
C LEU B 270 -10.77 7.67 12.71
N THR B 271 -12.09 7.49 12.68
CA THR B 271 -12.70 6.30 12.11
C THR B 271 -13.66 6.64 10.98
N ARG B 272 -13.42 6.06 9.80
CA ARG B 272 -14.39 6.12 8.72
C ARG B 272 -15.48 5.09 9.01
N THR B 273 -16.74 5.54 9.00
CA THR B 273 -17.88 4.70 9.33
C THR B 273 -18.55 4.08 8.10
N GLY B 274 -18.15 4.53 6.91
CA GLY B 274 -18.76 4.05 5.68
C GLY B 274 -18.50 4.96 4.50
N GLU B 275 -18.69 4.37 3.32
CA GLU B 275 -18.58 5.05 2.04
C GLU B 275 -19.38 6.35 2.06
N GLY B 276 -18.68 7.47 1.94
CA GLY B 276 -19.30 8.80 1.94
C GLY B 276 -20.02 9.19 3.21
N LEU B 277 -19.57 8.64 4.35
CA LEU B 277 -20.16 8.99 5.64
C LEU B 277 -19.17 9.84 6.43
N GLN B 278 -19.65 10.41 7.53
CA GLN B 278 -18.81 11.23 8.38
C GLN B 278 -17.81 10.39 9.15
N ARG B 279 -16.65 10.99 9.37
CA ARG B 279 -15.57 10.35 10.10
C ARG B 279 -15.76 10.67 11.60
N LEU B 280 -15.57 9.67 12.45
CA LEU B 280 -15.71 9.85 13.90
C LEU B 280 -14.35 10.03 14.57
N THR B 281 -14.32 10.77 15.68
CA THR B 281 -13.10 11.00 16.43
C THR B 281 -13.30 10.76 17.93
N HIS B 282 -12.33 10.08 18.56
CA HIS B 282 -12.27 10.00 20.01
C HIS B 282 -10.83 9.93 20.51
N THR B 283 -10.65 10.27 21.79
CA THR B 283 -9.33 10.36 22.41
C THR B 283 -9.08 9.17 23.32
N LEU B 284 -7.87 8.63 23.26
CA LEU B 284 -7.43 7.51 24.09
C LEU B 284 -6.33 7.96 25.06
N GLN B 285 -6.41 7.51 26.31
CA GLN B 285 -5.33 7.68 27.28
C GLN B 285 -4.66 6.33 27.50
N THR B 286 -3.34 6.33 27.66
CA THR B 286 -2.60 5.09 27.91
C THR B 286 -1.53 5.26 28.99
N SER B 287 -1.07 4.13 29.52
CA SER B 287 0.05 4.11 30.47
C SER B 287 0.73 2.75 30.47
N TYR B 288 2.00 2.74 30.89
CA TYR B 288 2.82 1.53 30.91
C TYR B 288 2.72 0.82 32.26
N GLY B 289 2.68 -0.51 32.23
CA GLY B 289 2.77 -1.34 33.43
C GLY B 289 4.12 -1.99 33.51
N GLU B 290 4.18 -3.23 34.01
CA GLU B 290 5.45 -3.93 34.13
C GLU B 290 5.91 -4.47 32.77
N HIS B 291 7.22 -4.41 32.55
CA HIS B 291 7.87 -4.81 31.29
C HIS B 291 7.31 -4.10 30.06
N ALA B 292 7.06 -2.80 30.21
CA ALA B 292 6.65 -1.93 29.09
C ALA B 292 5.38 -2.39 28.38
N VAL B 293 4.48 -3.06 29.11
CA VAL B 293 3.16 -3.42 28.59
C VAL B 293 2.26 -2.21 28.73
N LEU B 294 1.69 -1.77 27.61
CA LEU B 294 0.85 -0.58 27.59
C LEU B 294 -0.60 -0.98 27.84
N THR B 295 -1.29 -0.17 28.64
CA THR B 295 -2.72 -0.37 28.89
C THR B 295 -3.50 0.85 28.41
N ILE B 296 -4.57 0.59 27.67
CA ILE B 296 -5.45 1.66 27.20
C ILE B 296 -6.52 1.86 28.27
N HIS B 297 -6.63 3.10 28.76
CA HIS B 297 -7.61 3.42 29.80
C HIS B 297 -9.03 3.42 29.25
N THR B 298 -9.99 3.20 30.14
CA THR B 298 -11.41 3.12 29.79
C THR B 298 -12.21 4.13 30.60
N GLN B 313 -19.93 9.64 20.66
CA GLN B 313 -19.68 9.77 19.23
C GLN B 313 -19.69 11.23 18.80
N THR B 314 -18.55 11.73 18.32
CA THR B 314 -18.46 13.07 17.76
C THR B 314 -17.87 13.01 16.35
N VAL B 315 -18.47 13.75 15.43
CA VAL B 315 -18.03 13.77 14.04
C VAL B 315 -16.95 14.82 13.82
N ILE B 316 -16.19 14.67 12.74
CA ILE B 316 -15.10 15.57 12.39
C ILE B 316 -15.23 15.99 10.92
N LYS B 317 -15.10 17.29 10.66
CA LYS B 317 -15.14 17.82 9.29
C LYS B 317 -13.77 17.65 8.61
N ASN B 318 -13.71 17.99 7.33
CA ASN B 318 -12.48 17.83 6.56
C ASN B 318 -11.33 18.75 6.97
N ASP B 319 -11.63 20.00 7.31
CA ASP B 319 -10.59 20.95 7.72
C ASP B 319 -9.92 20.54 9.04
N GLU B 320 -10.70 19.95 9.94
CA GLU B 320 -10.16 19.35 11.17
C GLU B 320 -9.29 18.14 10.85
N LEU B 321 -9.72 17.35 9.87
CA LEU B 321 -8.98 16.16 9.44
C LEU B 321 -7.62 16.54 8.84
N GLU B 322 -7.63 17.48 7.90
CA GLU B 322 -6.40 17.96 7.27
C GLU B 322 -5.46 18.63 8.28
N SER B 323 -6.05 19.27 9.29
CA SER B 323 -5.27 19.87 10.39
C SER B 323 -4.52 18.79 11.18
N VAL B 324 -5.19 17.66 11.42
CA VAL B 324 -4.57 16.51 12.08
C VAL B 324 -3.46 15.91 11.23
N LEU B 325 -3.68 15.78 9.92
CA LEU B 325 -2.67 15.23 9.01
C LEU B 325 -1.42 16.09 8.92
N ARG B 326 -1.57 17.40 9.09
CA ARG B 326 -0.43 18.33 8.98
C ARG B 326 0.56 18.26 10.15
N ARG B 327 0.26 17.44 11.16
CA ARG B 327 1.22 17.18 12.23
C ARG B 327 2.30 16.18 11.80
N LEU B 328 2.04 15.42 10.74
CA LEU B 328 3.01 14.46 10.21
C LEU B 328 4.13 15.15 9.43
N MET C 1 -11.70 8.86 -37.96
CA MET C 1 -11.19 9.29 -39.29
C MET C 1 -11.01 10.81 -39.34
N ILE C 2 -10.48 11.30 -40.46
CA ILE C 2 -10.35 12.74 -40.68
C ILE C 2 -11.55 13.28 -41.46
N HIS C 3 -11.81 14.57 -41.30
CA HIS C 3 -12.93 15.20 -41.97
C HIS C 3 -12.46 16.43 -42.74
N LEU C 4 -13.02 16.62 -43.93
CA LEU C 4 -12.73 17.77 -44.77
C LEU C 4 -13.86 18.78 -44.62
N TYR C 5 -13.51 20.07 -44.60
CA TYR C 5 -14.51 21.12 -44.49
C TYR C 5 -14.21 22.29 -45.41
N ASP C 6 -15.28 22.97 -45.83
CA ASP C 6 -15.20 24.34 -46.34
C ASP C 6 -16.08 25.19 -45.42
N ALA C 7 -16.23 26.47 -45.75
CA ALA C 7 -17.05 27.37 -44.94
C ALA C 7 -18.44 26.78 -44.68
N LYS C 8 -19.07 26.26 -45.74
CA LYS C 8 -20.45 25.78 -45.67
C LYS C 8 -20.64 24.52 -44.85
N SER C 9 -19.85 23.49 -45.13
CA SER C 9 -19.94 22.25 -44.36
C SER C 9 -19.50 22.42 -42.90
N PHE C 10 -18.59 23.36 -42.65
CA PHE C 10 -18.18 23.71 -41.29
C PHE C 10 -19.30 24.43 -40.53
N ALA C 11 -20.00 25.33 -41.21
CA ALA C 11 -21.15 26.02 -40.62
C ALA C 11 -22.25 25.02 -40.23
N LYS C 12 -22.51 24.03 -41.08
CA LYS C 12 -23.48 22.96 -40.77
C LYS C 12 -23.08 22.19 -39.51
N LEU C 13 -21.80 21.81 -39.42
CA LEU C 13 -21.30 21.10 -38.25
C LEU C 13 -21.54 21.89 -36.97
N ARG C 14 -21.20 23.18 -37.01
CA ARG C 14 -21.41 24.07 -35.86
C ARG C 14 -22.88 24.11 -35.45
N ALA C 15 -23.78 24.22 -36.42
CA ALA C 15 -25.21 24.22 -36.13
C ALA C 15 -25.64 22.90 -35.51
N ALA C 16 -25.16 21.80 -36.09
CA ALA C 16 -25.49 20.46 -35.57
C ALA C 16 -24.93 20.22 -34.16
N GLN C 17 -23.73 20.76 -33.90
CA GLN C 17 -23.11 20.69 -32.57
C GLN C 17 -23.91 21.48 -31.54
N TYR C 18 -24.35 22.67 -31.92
CA TYR C 18 -25.19 23.50 -31.07
C TYR C 18 -26.46 22.75 -30.69
N ALA C 19 -27.11 22.14 -31.69
CA ALA C 19 -28.33 21.37 -31.47
C ALA C 19 -28.11 20.16 -30.57
N ALA C 20 -26.98 19.49 -30.73
CA ALA C 20 -26.68 18.28 -29.96
C ALA C 20 -26.71 18.50 -28.44
N PHE C 21 -26.37 19.72 -28.01
CA PHE C 21 -26.48 20.07 -26.60
C PHE C 21 -27.74 20.85 -26.25
N HIS C 22 -28.06 21.86 -27.05
CA HIS C 22 -29.09 22.85 -26.67
C HIS C 22 -30.53 22.51 -27.01
N THR C 23 -30.76 21.77 -28.11
CA THR C 23 -32.12 21.56 -28.60
C THR C 23 -32.55 20.10 -28.69
N ASP C 24 -31.62 19.18 -28.93
CA ASP C 24 -31.97 17.75 -28.94
C ASP C 24 -32.61 17.33 -27.61
N ALA C 25 -33.46 16.32 -27.67
CA ALA C 25 -34.09 15.78 -26.47
C ALA C 25 -33.02 15.12 -25.57
N PRO C 26 -33.08 15.36 -24.25
CA PRO C 26 -32.11 14.73 -23.34
C PRO C 26 -32.17 13.20 -23.40
N GLY C 27 -31.01 12.57 -23.55
CA GLY C 27 -30.91 11.12 -23.66
C GLY C 27 -31.03 10.58 -25.08
N SER C 28 -31.33 11.45 -26.05
CA SER C 28 -31.53 11.05 -27.44
C SER C 28 -30.34 10.30 -28.01
N TRP C 29 -29.16 10.89 -27.84
CA TRP C 29 -27.93 10.35 -28.43
C TRP C 29 -27.63 8.96 -27.88
N PHE C 30 -27.82 8.79 -26.57
CA PHE C 30 -27.65 7.48 -25.94
C PHE C 30 -28.55 6.43 -26.58
N ASP C 31 -29.82 6.79 -26.75
CA ASP C 31 -30.77 5.90 -27.40
C ASP C 31 -30.38 5.57 -28.83
N HIS C 32 -29.84 6.55 -29.56
CA HIS C 32 -29.39 6.33 -30.92
C HIS C 32 -28.18 5.39 -30.96
N THR C 33 -27.19 5.63 -30.11
CA THR C 33 -25.99 4.80 -30.08
C THR C 33 -26.28 3.39 -29.56
N SER C 34 -27.29 3.26 -28.70
CA SER C 34 -27.77 1.94 -28.27
C SER C 34 -28.23 1.15 -29.49
N GLY C 35 -29.03 1.79 -30.34
CA GLY C 35 -29.50 1.18 -31.57
C GLY C 35 -28.38 0.76 -32.50
N VAL C 36 -27.35 1.61 -32.61
CA VAL C 36 -26.19 1.30 -33.45
C VAL C 36 -25.47 0.07 -32.91
N LEU C 37 -25.21 0.05 -31.60
CA LEU C 37 -24.57 -1.10 -30.96
C LEU C 37 -25.39 -2.39 -31.11
N GLU C 38 -26.71 -2.29 -30.94
CA GLU C 38 -27.60 -3.44 -31.09
C GLU C 38 -27.59 -4.02 -32.51
N SER C 39 -27.37 -3.17 -33.51
CA SER C 39 -27.35 -3.60 -34.91
C SER C 39 -26.04 -4.28 -35.32
N VAL C 40 -25.01 -4.16 -34.49
CA VAL C 40 -23.74 -4.85 -34.73
C VAL C 40 -23.96 -6.35 -34.65
N GLU C 41 -23.55 -7.08 -35.68
CA GLU C 41 -23.69 -8.54 -35.69
C GLU C 41 -22.91 -9.16 -34.54
N ASP C 42 -23.47 -10.21 -33.95
CA ASP C 42 -23.02 -10.71 -32.65
C ASP C 42 -21.59 -11.25 -32.73
N GLY C 43 -20.77 -10.87 -31.75
CA GLY C 43 -19.37 -11.29 -31.68
C GLY C 43 -18.38 -10.25 -32.18
N THR C 44 -18.87 -9.22 -32.86
CA THR C 44 -18.01 -8.17 -33.39
C THR C 44 -17.55 -7.24 -32.25
N PRO C 45 -16.24 -6.97 -32.16
CA PRO C 45 -15.70 -6.02 -31.19
C PRO C 45 -16.28 -4.62 -31.36
N VAL C 46 -16.67 -4.00 -30.25
CA VAL C 46 -17.20 -2.64 -30.29
C VAL C 46 -16.41 -1.65 -29.43
N LEU C 47 -15.73 -2.14 -28.40
CA LEU C 47 -15.04 -1.28 -27.45
C LEU C 47 -13.74 -1.91 -26.95
N ALA C 48 -12.68 -1.12 -26.97
CA ALA C 48 -11.39 -1.54 -26.44
C ALA C 48 -10.91 -0.53 -25.40
N ILE C 49 -10.50 -1.03 -24.24
CA ILE C 49 -10.07 -0.18 -23.14
C ILE C 49 -8.74 -0.69 -22.59
N GLY C 50 -7.86 0.23 -22.21
CA GLY C 50 -6.50 -0.11 -21.81
C GLY C 50 -6.41 -0.64 -20.39
N VAL C 51 -5.71 -1.75 -20.20
CA VAL C 51 -5.44 -2.29 -18.87
C VAL C 51 -4.13 -1.70 -18.33
N GLU C 52 -3.82 -2.02 -17.07
CA GLU C 52 -2.69 -1.43 -16.36
C GLU C 52 -1.38 -1.39 -17.17
N SER C 53 -1.09 -2.47 -17.89
CA SER C 53 0.15 -2.56 -18.67
C SER C 53 0.20 -1.61 -19.87
N GLY C 54 -0.96 -1.26 -20.40
CA GLY C 54 -1.04 -0.47 -21.63
C GLY C 54 -1.57 -1.27 -22.81
N ASP C 55 -1.61 -2.60 -22.67
CA ASP C 55 -2.37 -3.45 -23.57
C ASP C 55 -3.85 -3.12 -23.40
N ALA C 56 -4.69 -3.67 -24.28
CA ALA C 56 -6.12 -3.38 -24.24
C ALA C 56 -6.95 -4.66 -24.22
N ILE C 57 -8.06 -4.63 -23.48
CA ILE C 57 -9.06 -5.68 -23.51
C ILE C 57 -10.25 -5.20 -24.33
N VAL C 58 -10.99 -6.15 -24.90
CA VAL C 58 -11.99 -5.86 -25.92
C VAL C 58 -13.34 -6.47 -25.56
N PHE C 59 -14.42 -5.71 -25.79
CA PHE C 59 -15.76 -6.16 -25.45
C PHE C 59 -16.69 -6.11 -26.65
N ASP C 60 -17.68 -7.01 -26.67
CA ASP C 60 -18.73 -7.01 -27.68
C ASP C 60 -19.92 -6.15 -27.22
N LYS C 61 -21.00 -6.18 -27.97
CA LYS C 61 -22.18 -5.34 -27.68
C LYS C 61 -22.90 -5.70 -26.38
N ASN C 62 -22.76 -6.96 -25.95
CA ASN C 62 -23.39 -7.43 -24.70
C ASN C 62 -22.49 -7.26 -23.48
N ALA C 63 -21.39 -6.52 -23.63
CA ALA C 63 -20.45 -6.29 -22.54
C ALA C 63 -19.73 -7.59 -22.15
N GLN C 64 -19.58 -8.50 -23.10
CA GLN C 64 -18.84 -9.74 -22.90
C GLN C 64 -17.45 -9.58 -23.47
N ARG C 65 -16.44 -9.96 -22.69
CA ARG C 65 -15.06 -9.82 -23.11
C ARG C 65 -14.73 -10.84 -24.19
N ILE C 66 -14.00 -10.40 -25.21
CA ILE C 66 -13.64 -11.24 -26.35
C ILE C 66 -12.23 -11.78 -26.15
N VAL C 67 -12.11 -13.10 -26.09
CA VAL C 67 -10.81 -13.75 -25.89
C VAL C 67 -10.05 -13.92 -27.21
N ALA C 68 -10.78 -14.26 -28.27
CA ALA C 68 -10.17 -14.52 -29.58
C ALA C 68 -11.06 -13.98 -30.71
N TYR C 69 -10.43 -13.42 -31.72
CA TYR C 69 -11.15 -12.84 -32.85
C TYR C 69 -10.22 -12.74 -34.07
N LYS C 70 -10.63 -13.36 -35.16
CA LYS C 70 -9.86 -13.39 -36.40
C LYS C 70 -9.62 -11.96 -36.91
N GLU C 71 -8.45 -11.73 -37.51
CA GLU C 71 -8.13 -10.44 -38.12
C GLU C 71 -9.22 -10.06 -39.12
N LYS C 72 -9.61 -8.79 -39.11
CA LYS C 72 -10.73 -8.32 -39.92
C LYS C 72 -10.55 -6.84 -40.26
N SER C 73 -10.42 -6.55 -41.56
CA SER C 73 -10.14 -5.20 -42.04
C SER C 73 -11.40 -4.50 -42.55
N VAL C 74 -11.71 -3.34 -41.99
CA VAL C 74 -12.87 -2.55 -42.41
C VAL C 74 -12.38 -1.22 -43.00
N LYS C 75 -12.81 -0.92 -44.23
CA LYS C 75 -12.42 0.32 -44.90
C LYS C 75 -13.42 1.43 -44.62
N ALA C 76 -12.92 2.55 -44.10
CA ALA C 76 -13.76 3.71 -43.79
C ALA C 76 -14.06 4.52 -45.06
N GLU C 77 -14.79 5.61 -44.89
CA GLU C 77 -15.20 6.46 -46.02
C GLU C 77 -14.02 7.22 -46.61
N ASP C 78 -13.17 7.78 -45.75
CA ASP C 78 -12.01 8.56 -46.18
C ASP C 78 -10.87 7.73 -46.80
N GLY C 79 -11.00 6.41 -46.77
CA GLY C 79 -9.98 5.50 -47.34
C GLY C 79 -9.14 4.81 -46.28
N SER C 80 -9.22 5.29 -45.04
CA SER C 80 -8.46 4.73 -43.92
C SER C 80 -9.00 3.36 -43.53
N VAL C 81 -8.08 2.44 -43.27
CA VAL C 81 -8.45 1.08 -42.91
C VAL C 81 -8.28 0.88 -41.41
N SER C 82 -9.31 0.34 -40.77
CA SER C 82 -9.25 -0.04 -39.36
C SER C 82 -9.25 -1.56 -39.27
N VAL C 83 -8.18 -2.13 -38.74
CA VAL C 83 -8.06 -3.56 -38.57
C VAL C 83 -8.26 -3.89 -37.09
N VAL C 84 -9.02 -4.94 -36.81
CA VAL C 84 -9.23 -5.41 -35.44
C VAL C 84 -8.85 -6.89 -35.34
N GLN C 85 -8.04 -7.22 -34.34
CA GLN C 85 -7.63 -8.59 -34.08
C GLN C 85 -7.44 -8.78 -32.60
N VAL C 86 -7.96 -9.88 -32.06
CA VAL C 86 -7.83 -10.20 -30.64
C VAL C 86 -7.30 -11.62 -30.50
N GLU C 87 -6.35 -11.80 -29.58
CA GLU C 87 -5.74 -13.10 -29.33
C GLU C 87 -5.27 -13.20 -27.87
N ASN C 88 -5.59 -14.32 -27.23
CA ASN C 88 -5.27 -14.56 -25.81
C ASN C 88 -5.82 -13.46 -24.88
N GLY C 89 -7.02 -12.97 -25.21
CA GLY C 89 -7.71 -11.98 -24.39
C GLY C 89 -7.22 -10.55 -24.50
N PHE C 90 -6.33 -10.27 -25.46
CA PHE C 90 -5.77 -8.94 -25.62
C PHE C 90 -5.77 -8.50 -27.08
N MET C 91 -5.84 -7.18 -27.28
CA MET C 91 -5.88 -6.58 -28.61
C MET C 91 -4.53 -6.70 -29.31
N LYS C 92 -4.51 -7.43 -30.42
CA LYS C 92 -3.32 -7.57 -31.25
C LYS C 92 -3.24 -6.40 -32.23
N GLN C 93 -4.36 -6.11 -32.88
CA GLN C 93 -4.47 -4.96 -33.78
C GLN C 93 -5.73 -4.17 -33.46
N GLY C 94 -5.66 -2.86 -33.68
CA GLY C 94 -6.78 -1.96 -33.43
C GLY C 94 -6.35 -0.77 -32.60
N HIS C 95 -7.32 -0.12 -31.97
CA HIS C 95 -7.07 1.06 -31.15
C HIS C 95 -7.94 1.06 -29.91
N ARG C 96 -7.56 1.87 -28.92
CA ARG C 96 -8.39 2.07 -27.74
C ARG C 96 -9.57 2.97 -28.09
N GLY C 97 -10.73 2.68 -27.51
CA GLY C 97 -11.94 3.45 -27.76
C GLY C 97 -12.98 2.62 -28.48
N TRP C 98 -13.91 3.30 -29.15
CA TRP C 98 -14.99 2.64 -29.87
C TRP C 98 -14.49 2.07 -31.19
N LEU C 99 -14.76 0.79 -31.42
CA LEU C 99 -14.29 0.08 -32.59
C LEU C 99 -15.30 0.07 -33.72
N VAL C 100 -16.51 0.56 -33.44
CA VAL C 100 -17.50 0.84 -34.47
C VAL C 100 -17.86 2.32 -34.42
N ASP C 101 -18.19 2.88 -35.58
CA ASP C 101 -18.50 4.29 -35.71
C ASP C 101 -19.86 4.59 -35.08
N LEU C 102 -19.84 5.29 -33.95
CA LEU C 102 -21.07 5.70 -33.27
C LEU C 102 -21.47 7.13 -33.63
N THR C 103 -20.59 7.84 -34.35
CA THR C 103 -20.74 9.29 -34.53
C THR C 103 -20.86 9.79 -35.97
N GLY C 104 -20.19 9.13 -36.91
CA GLY C 104 -20.24 9.53 -38.32
C GLY C 104 -19.64 10.90 -38.53
N GLU C 105 -20.39 11.78 -39.18
CA GLU C 105 -19.99 13.18 -39.34
C GLU C 105 -20.29 14.01 -38.10
N LEU C 106 -21.02 13.45 -37.14
CA LEU C 106 -21.44 14.21 -35.96
C LEU C 106 -20.38 14.09 -34.84
N VAL C 107 -19.34 14.91 -34.94
CA VAL C 107 -18.20 14.88 -34.01
C VAL C 107 -18.01 16.23 -33.35
N GLY C 108 -17.31 16.25 -32.23
CA GLY C 108 -17.05 17.49 -31.49
C GLY C 108 -18.24 17.97 -30.68
N CYS C 109 -19.20 17.06 -30.42
CA CYS C 109 -20.41 17.40 -29.69
C CYS C 109 -20.28 17.08 -28.21
N SER C 110 -21.17 17.68 -27.42
CA SER C 110 -21.40 17.27 -26.05
C SER C 110 -22.88 16.89 -25.96
N PRO C 111 -23.23 15.68 -26.42
CA PRO C 111 -24.64 15.30 -26.46
C PRO C 111 -25.31 15.39 -25.10
N VAL C 112 -26.41 16.15 -25.04
CA VAL C 112 -27.17 16.31 -23.81
C VAL C 112 -27.59 14.95 -23.24
N VAL C 113 -27.21 14.68 -21.99
CA VAL C 113 -27.50 13.39 -21.35
C VAL C 113 -28.77 13.42 -20.51
N ALA C 114 -29.05 14.57 -19.89
CA ALA C 114 -30.23 14.73 -19.06
C ALA C 114 -30.50 16.20 -18.78
N GLU C 115 -31.70 16.48 -18.30
CA GLU C 115 -32.08 17.82 -17.87
C GLU C 115 -32.63 17.73 -16.46
N PHE C 116 -32.10 18.55 -15.55
CA PHE C 116 -32.49 18.51 -14.16
C PHE C 116 -32.48 19.92 -13.57
N GLY C 117 -33.56 20.26 -12.86
CA GLY C 117 -33.66 21.53 -12.16
C GLY C 117 -33.51 22.76 -13.04
N GLY C 118 -33.95 22.64 -14.29
CA GLY C 118 -33.86 23.74 -15.25
C GLY C 118 -32.54 23.86 -16.00
N HIS C 119 -31.62 22.91 -15.81
CA HIS C 119 -30.32 22.95 -16.47
C HIS C 119 -30.09 21.67 -17.28
N ARG C 120 -29.48 21.83 -18.46
CA ARG C 120 -29.09 20.69 -19.28
C ARG C 120 -27.67 20.26 -18.93
N TYR C 121 -27.47 18.95 -18.81
CA TYR C 121 -26.16 18.39 -18.48
C TYR C 121 -25.61 17.61 -19.67
N ALA C 122 -24.29 17.69 -19.82
CA ALA C 122 -23.60 17.06 -20.94
C ALA C 122 -23.23 15.60 -20.63
N SER C 123 -23.15 14.81 -21.70
CA SER C 123 -22.56 13.47 -21.61
C SER C 123 -21.04 13.64 -21.59
N GLY C 124 -20.30 12.54 -21.55
CA GLY C 124 -18.85 12.59 -21.41
C GLY C 124 -18.47 12.39 -19.96
N MET C 125 -17.28 12.85 -19.56
CA MET C 125 -16.88 12.72 -18.16
C MET C 125 -17.08 14.01 -17.38
N VAL C 126 -17.72 13.87 -16.23
CA VAL C 126 -17.83 14.93 -15.24
C VAL C 126 -16.92 14.60 -14.06
N ILE C 127 -15.95 15.46 -13.78
CA ILE C 127 -15.12 15.28 -12.60
C ILE C 127 -15.70 16.13 -11.46
N VAL C 128 -15.92 15.47 -10.33
CA VAL C 128 -16.37 16.13 -9.11
C VAL C 128 -15.18 16.25 -8.16
N THR C 129 -14.80 17.49 -7.86
CA THR C 129 -13.60 17.74 -7.09
C THR C 129 -13.73 19.03 -6.29
N GLY C 130 -12.61 19.49 -5.73
CA GLY C 130 -12.56 20.73 -4.94
C GLY C 130 -12.08 20.47 -3.53
N LYS C 131 -11.84 21.54 -2.79
CA LYS C 131 -11.46 21.44 -1.38
C LYS C 131 -12.58 21.97 -0.51
N GLY C 132 -12.37 21.98 0.81
CA GLY C 132 -13.39 22.40 1.77
C GLY C 132 -14.15 21.21 2.31
N ASN C 133 -15.23 21.50 3.03
CA ASN C 133 -15.96 20.48 3.79
C ASN C 133 -17.09 19.79 3.02
N SER C 134 -17.36 20.24 1.80
CA SER C 134 -18.42 19.63 0.99
C SER C 134 -17.98 18.28 0.45
N GLY C 135 -18.75 17.24 0.80
CA GLY C 135 -18.41 15.86 0.44
C GLY C 135 -18.62 15.49 -1.01
N LYS C 136 -17.64 14.81 -1.59
CA LYS C 136 -17.69 14.40 -3.00
C LYS C 136 -18.59 13.19 -3.21
N THR C 137 -18.43 12.18 -2.38
CA THR C 137 -19.17 10.92 -2.54
C THR C 137 -20.69 11.11 -2.50
N PRO C 138 -21.20 11.86 -1.50
CA PRO C 138 -22.65 12.10 -1.48
C PRO C 138 -23.16 12.88 -2.71
N LEU C 139 -22.32 13.79 -3.22
CA LEU C 139 -22.69 14.58 -4.39
C LEU C 139 -22.80 13.74 -5.65
N VAL C 140 -21.83 12.85 -5.88
CA VAL C 140 -21.85 12.02 -7.11
C VAL C 140 -23.06 11.07 -7.13
N HIS C 141 -23.45 10.55 -5.97
CA HIS C 141 -24.62 9.68 -5.88
C HIS C 141 -25.92 10.46 -6.09
N ALA C 142 -25.97 11.69 -5.57
CA ALA C 142 -27.12 12.56 -5.80
C ALA C 142 -27.22 12.95 -7.28
N LEU C 143 -26.08 13.23 -7.90
CA LEU C 143 -26.04 13.60 -9.30
C LEU C 143 -26.41 12.40 -10.19
N GLY C 144 -25.90 11.23 -9.84
CA GLY C 144 -26.25 10.00 -10.54
C GLY C 144 -27.74 9.71 -10.53
N GLU C 145 -28.36 9.91 -9.37
CA GLU C 145 -29.80 9.72 -9.23
C GLU C 145 -30.58 10.77 -10.03
N ALA C 146 -30.16 12.02 -9.92
CA ALA C 146 -30.85 13.13 -10.59
C ALA C 146 -30.80 13.04 -12.11
N LEU C 147 -29.61 12.78 -12.65
CA LEU C 147 -29.43 12.65 -14.10
C LEU C 147 -29.98 11.32 -14.61
N GLY C 148 -30.03 10.31 -13.74
CA GLY C 148 -30.70 9.05 -14.06
C GLY C 148 -32.16 9.29 -14.42
N GLY C 149 -32.82 10.12 -13.61
CA GLY C 149 -34.23 10.45 -13.81
C GLY C 149 -35.10 9.22 -13.61
N LYS C 150 -35.65 8.72 -14.71
CA LYS C 150 -36.49 7.52 -14.69
C LYS C 150 -35.63 6.27 -14.58
N ASP C 151 -34.35 6.38 -14.96
CA ASP C 151 -33.44 5.25 -15.02
C ASP C 151 -32.53 5.17 -13.81
N LYS C 152 -32.19 3.94 -13.43
CA LYS C 152 -31.18 3.70 -12.40
C LYS C 152 -29.81 4.03 -12.95
N TYR C 153 -28.93 4.55 -12.09
CA TYR C 153 -27.54 4.81 -12.45
C TYR C 153 -26.64 3.68 -11.99
N ALA C 154 -25.52 3.51 -12.69
CA ALA C 154 -24.57 2.44 -12.38
C ALA C 154 -23.42 2.99 -11.54
N THR C 155 -22.99 2.22 -10.55
CA THR C 155 -21.90 2.62 -9.69
C THR C 155 -20.71 1.69 -9.88
N VAL C 156 -19.57 2.28 -10.24
CA VAL C 156 -18.30 1.58 -10.28
C VAL C 156 -17.52 2.02 -9.05
N ARG C 157 -17.12 1.04 -8.22
CA ARG C 157 -16.37 1.33 -7.01
C ARG C 157 -14.92 0.92 -7.17
N PHE C 158 -14.01 1.78 -6.73
CA PHE C 158 -12.58 1.55 -6.90
C PHE C 158 -11.73 2.32 -5.90
N GLY C 159 -10.85 1.58 -5.22
CA GLY C 159 -9.75 2.17 -4.49
C GLY C 159 -10.09 2.94 -3.23
N GLU C 160 -10.94 2.35 -2.39
CA GLU C 160 -11.17 2.85 -1.05
C GLU C 160 -11.08 1.68 -0.07
N PRO C 161 -10.63 1.93 1.17
CA PRO C 161 -10.45 0.88 2.16
C PRO C 161 -11.75 0.50 2.88
N LEU C 162 -12.77 0.17 2.09
CA LEU C 162 -14.10 -0.17 2.60
C LEU C 162 -14.56 -1.48 1.98
N SER C 163 -15.59 -2.08 2.57
CA SER C 163 -16.00 -3.44 2.18
C SER C 163 -16.46 -3.50 0.73
N GLY C 164 -16.04 -4.57 0.04
CA GLY C 164 -16.48 -4.85 -1.33
C GLY C 164 -15.83 -4.02 -2.42
N TYR C 165 -14.94 -3.11 -2.06
CA TYR C 165 -14.26 -2.26 -3.03
C TYR C 165 -13.15 -3.03 -3.71
N ASN C 166 -13.26 -3.16 -5.03
CA ASN C 166 -12.15 -3.61 -5.85
C ASN C 166 -11.02 -2.58 -5.85
N THR C 167 -9.78 -3.07 -5.84
CA THR C 167 -8.59 -2.19 -5.89
C THR C 167 -7.63 -2.56 -7.03
N ASP C 168 -8.06 -3.47 -7.90
CA ASP C 168 -7.27 -3.91 -9.05
C ASP C 168 -7.73 -3.15 -10.29
N PHE C 169 -6.81 -2.40 -10.90
CA PHE C 169 -7.12 -1.53 -12.03
C PHE C 169 -7.76 -2.26 -13.20
N ASN C 170 -7.35 -3.50 -13.43
CA ASN C 170 -7.85 -4.28 -14.57
C ASN C 170 -9.33 -4.67 -14.42
N VAL C 171 -9.78 -4.91 -13.19
CA VAL C 171 -11.19 -5.13 -12.89
C VAL C 171 -11.97 -3.82 -13.04
N PHE C 172 -11.36 -2.72 -12.59
CA PHE C 172 -11.94 -1.39 -12.68
C PHE C 172 -12.33 -0.99 -14.11
N VAL C 173 -11.42 -1.19 -15.07
CA VAL C 173 -11.70 -0.86 -16.46
C VAL C 173 -12.71 -1.81 -17.09
N ASP C 174 -12.75 -3.04 -16.60
CA ASP C 174 -13.76 -4.01 -17.03
C ASP C 174 -15.15 -3.54 -16.59
N ASP C 175 -15.26 -3.08 -15.35
CA ASP C 175 -16.50 -2.50 -14.84
C ASP C 175 -16.94 -1.27 -15.65
N ILE C 176 -16.00 -0.38 -15.93
CA ILE C 176 -16.28 0.86 -16.69
C ILE C 176 -16.81 0.56 -18.09
N ALA C 177 -16.12 -0.33 -18.81
CA ALA C 177 -16.54 -0.71 -20.15
C ALA C 177 -17.98 -1.22 -20.16
N ARG C 178 -18.26 -2.13 -19.24
CA ARG C 178 -19.60 -2.69 -19.09
C ARG C 178 -20.63 -1.61 -18.77
N ALA C 179 -20.27 -0.69 -17.89
CA ALA C 179 -21.18 0.39 -17.52
C ALA C 179 -21.54 1.28 -18.71
N MET C 180 -20.52 1.70 -19.46
CA MET C 180 -20.74 2.55 -20.64
C MET C 180 -21.49 1.80 -21.76
N LEU C 181 -21.28 0.49 -21.84
CA LEU C 181 -21.99 -0.33 -22.84
C LEU C 181 -23.47 -0.51 -22.54
N GLN C 182 -23.86 -0.38 -21.28
CA GLN C 182 -25.24 -0.74 -20.87
C GLN C 182 -26.05 0.35 -20.17
N HIS C 183 -25.42 1.45 -19.76
CA HIS C 183 -26.11 2.48 -18.95
C HIS C 183 -25.73 3.91 -19.32
N ARG C 184 -26.71 4.81 -19.24
CA ARG C 184 -26.56 6.21 -19.61
C ARG C 184 -25.87 7.03 -18.52
N VAL C 185 -26.11 6.69 -17.26
CA VAL C 185 -25.57 7.45 -16.13
C VAL C 185 -24.73 6.52 -15.26
N ILE C 186 -23.48 6.92 -15.06
CA ILE C 186 -22.48 6.08 -14.40
C ILE C 186 -21.72 6.91 -13.37
N VAL C 187 -21.57 6.34 -12.18
CA VAL C 187 -20.83 6.96 -11.09
C VAL C 187 -19.54 6.18 -10.84
N ILE C 188 -18.42 6.89 -10.73
CA ILE C 188 -17.14 6.29 -10.34
C ILE C 188 -16.68 6.86 -9.00
N ASP C 189 -16.46 5.97 -8.03
CA ASP C 189 -15.94 6.35 -6.73
C ASP C 189 -14.85 5.33 -6.36
N SER C 190 -13.58 5.73 -6.38
CA SER C 190 -13.12 7.07 -6.77
C SER C 190 -12.01 6.99 -7.81
N LEU C 191 -11.57 8.15 -8.25
CA LEU C 191 -10.55 8.29 -9.29
C LEU C 191 -9.19 8.64 -8.67
N LYS C 192 -9.01 8.34 -7.38
CA LYS C 192 -7.78 8.69 -6.66
C LYS C 192 -6.61 7.79 -7.00
N ASN C 193 -6.85 6.48 -7.06
CA ASN C 193 -5.79 5.52 -7.30
C ASN C 193 -5.28 5.50 -8.75
N VAL C 194 -6.06 6.03 -9.69
CA VAL C 194 -5.57 6.18 -11.07
C VAL C 194 -4.63 7.39 -11.13
N ILE C 195 -4.94 8.42 -10.33
CA ILE C 195 -4.06 9.57 -10.14
C ILE C 195 -2.92 9.18 -9.19
N ILE C 207 2.96 6.66 -12.40
CA ILE C 207 1.63 6.31 -12.85
C ILE C 207 1.69 5.35 -14.05
N SER C 208 0.82 4.35 -14.04
CA SER C 208 0.83 3.28 -15.04
C SER C 208 0.33 3.76 -16.40
N ARG C 209 0.65 3.00 -17.44
CA ARG C 209 0.21 3.31 -18.79
C ARG C 209 -1.31 3.28 -18.89
N GLY C 210 -1.93 2.24 -18.30
CA GLY C 210 -3.38 2.12 -18.28
C GLY C 210 -4.07 3.33 -17.65
N ALA C 211 -3.53 3.82 -16.55
CA ALA C 211 -4.10 4.96 -15.84
C ALA C 211 -4.06 6.25 -16.67
N PHE C 212 -2.92 6.50 -17.31
CA PHE C 212 -2.78 7.64 -18.22
C PHE C 212 -3.74 7.53 -19.40
N ASP C 213 -3.83 6.33 -19.99
CA ASP C 213 -4.76 6.07 -21.09
C ASP C 213 -6.20 6.36 -20.68
N LEU C 214 -6.62 5.84 -19.53
CA LEU C 214 -7.99 6.01 -19.06
C LEU C 214 -8.36 7.48 -18.91
N LEU C 215 -7.47 8.26 -18.33
CA LEU C 215 -7.70 9.69 -18.12
C LEU C 215 -7.89 10.42 -19.45
N SER C 216 -7.12 10.04 -20.46
CA SER C 216 -7.22 10.68 -21.78
C SER C 216 -8.33 10.11 -22.66
N ASP C 217 -8.82 8.91 -22.35
CA ASP C 217 -9.78 8.20 -23.21
C ASP C 217 -11.24 8.34 -22.78
N ILE C 218 -11.50 8.33 -21.49
CA ILE C 218 -12.85 8.07 -20.97
C ILE C 218 -13.87 9.16 -21.34
N GLY C 219 -13.45 10.42 -21.32
CA GLY C 219 -14.32 11.52 -21.70
C GLY C 219 -14.85 11.37 -23.10
N ALA C 220 -13.97 11.00 -24.04
CA ALA C 220 -14.33 10.83 -25.44
C ALA C 220 -15.21 9.60 -25.64
N MET C 221 -14.85 8.51 -24.97
CA MET C 221 -15.66 7.29 -25.01
C MET C 221 -17.10 7.57 -24.59
N ALA C 222 -17.26 8.33 -23.51
CA ALA C 222 -18.58 8.61 -22.95
C ALA C 222 -19.38 9.59 -23.82
N ALA C 223 -18.74 10.66 -24.25
CA ALA C 223 -19.40 11.65 -25.11
C ALA C 223 -19.87 11.03 -26.43
N SER C 224 -19.07 10.12 -26.98
CA SER C 224 -19.46 9.37 -28.19
C SER C 224 -20.66 8.45 -27.93
N ARG C 225 -20.71 7.85 -26.75
CA ARG C 225 -21.83 6.98 -26.38
C ARG C 225 -23.08 7.78 -26.07
N GLY C 226 -22.90 8.98 -25.53
CA GLY C 226 -24.02 9.77 -25.03
C GLY C 226 -24.33 9.46 -23.58
N CYS C 227 -23.40 8.78 -22.90
CA CYS C 227 -23.52 8.48 -21.48
C CYS C 227 -22.66 9.45 -20.68
N VAL C 228 -22.96 9.57 -19.40
CA VAL C 228 -22.20 10.47 -18.52
C VAL C 228 -21.49 9.67 -17.44
N VAL C 229 -20.20 9.96 -17.23
CA VAL C 229 -19.41 9.32 -16.19
C VAL C 229 -19.09 10.37 -15.13
N ILE C 230 -19.67 10.20 -13.95
CA ILE C 230 -19.53 11.14 -12.85
C ILE C 230 -18.50 10.57 -11.87
N ALA C 231 -17.31 11.16 -11.87
CA ALA C 231 -16.19 10.61 -11.10
C ALA C 231 -15.75 11.55 -9.99
N SER C 232 -15.63 11.03 -8.77
CA SER C 232 -15.12 11.81 -7.65
C SER C 232 -13.60 11.82 -7.67
N LEU C 233 -13.03 12.96 -7.31
CA LEU C 233 -11.60 13.11 -7.27
C LEU C 233 -11.22 14.08 -6.16
N ASN C 234 -10.93 13.54 -4.99
CA ASN C 234 -10.51 14.34 -3.84
C ASN C 234 -9.07 14.78 -4.05
N PRO C 235 -8.84 16.10 -4.21
CA PRO C 235 -7.47 16.59 -4.37
C PRO C 235 -6.76 16.61 -3.01
N THR C 236 -6.15 15.48 -2.65
CA THR C 236 -5.59 15.27 -1.33
C THR C 236 -4.19 15.89 -1.24
N ASP C 240 3.03 16.72 -4.45
CA ASP C 240 2.40 18.06 -4.47
C ASP C 240 2.32 18.69 -5.88
N LYS C 241 3.05 18.11 -6.83
CA LYS C 241 3.02 18.57 -8.21
C LYS C 241 1.87 17.90 -8.95
N ILE C 242 1.55 16.67 -8.53
CA ILE C 242 0.44 15.93 -9.12
C ILE C 242 -0.79 16.82 -9.17
N VAL C 243 -0.85 17.79 -8.26
CA VAL C 243 -1.96 18.75 -8.23
C VAL C 243 -2.22 19.26 -9.63
N GLU C 244 -1.15 19.37 -10.42
CA GLU C 244 -1.27 19.81 -11.82
C GLU C 244 -1.94 18.72 -12.65
N LEU C 245 -1.73 17.47 -12.27
CA LEU C 245 -2.39 16.35 -12.94
C LEU C 245 -3.88 16.33 -12.60
N VAL C 246 -4.22 16.76 -11.38
CA VAL C 246 -5.62 16.96 -10.98
C VAL C 246 -6.23 18.14 -11.75
N LYS C 247 -5.47 19.24 -11.86
CA LYS C 247 -5.90 20.41 -12.63
C LYS C 247 -6.05 20.13 -14.13
N GLU C 248 -5.16 19.29 -14.67
CA GLU C 248 -5.20 18.93 -16.09
C GLU C 248 -6.37 18.00 -16.38
N ALA C 249 -6.64 17.08 -15.47
CA ALA C 249 -7.79 16.20 -15.58
C ALA C 249 -9.10 16.99 -15.48
N SER C 250 -9.10 17.99 -14.59
CA SER C 250 -10.28 18.82 -14.37
C SER C 250 -10.52 19.78 -15.53
N ARG C 251 -9.46 20.40 -16.02
CA ARG C 251 -9.56 21.42 -17.06
C ARG C 251 -9.85 20.82 -18.43
N SER C 252 -9.04 19.86 -18.86
CA SER C 252 -9.03 19.44 -20.27
C SER C 252 -9.38 17.98 -20.57
N ASN C 253 -9.37 17.10 -19.56
CA ASN C 253 -9.79 15.71 -19.77
C ASN C 253 -11.24 15.43 -19.40
N SER C 254 -11.89 16.41 -18.77
CA SER C 254 -13.30 16.28 -18.41
C SER C 254 -14.16 17.16 -19.31
N THR C 255 -15.32 16.64 -19.68
CA THR C 255 -16.30 17.38 -20.46
C THR C 255 -16.98 18.44 -19.58
N SER C 256 -17.30 18.07 -18.35
CA SER C 256 -17.83 19.01 -17.35
C SER C 256 -17.03 18.95 -16.06
N LEU C 257 -17.09 20.02 -15.29
CA LEU C 257 -16.42 20.10 -14.00
C LEU C 257 -17.41 20.53 -12.93
N VAL C 258 -17.49 19.76 -11.85
CA VAL C 258 -18.31 20.11 -10.69
C VAL C 258 -17.37 20.30 -9.50
N ILE C 259 -17.31 21.52 -8.98
CA ILE C 259 -16.32 21.87 -7.97
C ILE C 259 -16.96 22.58 -6.78
N SER C 260 -16.50 22.24 -5.58
CA SER C 260 -17.04 22.82 -4.34
C SER C 260 -16.63 24.27 -4.18
N THR C 261 -17.32 24.97 -3.29
CA THR C 261 -17.10 26.41 -3.08
C THR C 261 -16.80 26.72 -1.62
N ASP C 262 -16.70 28.01 -1.31
CA ASP C 262 -16.45 28.47 0.06
C ASP C 262 -17.59 28.12 1.01
N VAL C 263 -18.81 28.02 0.49
CA VAL C 263 -19.98 27.70 1.30
C VAL C 263 -20.28 26.21 1.21
N ASP C 264 -20.48 25.58 2.35
CA ASP C 264 -20.73 24.14 2.42
C ASP C 264 -22.07 23.80 1.77
N GLY C 265 -22.07 22.76 0.95
CA GLY C 265 -23.27 22.31 0.25
C GLY C 265 -23.46 22.94 -1.12
N GLU C 266 -22.70 23.99 -1.41
CA GLU C 266 -22.83 24.74 -2.65
C GLU C 266 -21.73 24.34 -3.65
N TRP C 267 -22.14 24.09 -4.89
CA TRP C 267 -21.22 23.63 -5.94
C TRP C 267 -21.41 24.44 -7.22
N GLN C 268 -20.31 24.64 -7.96
CA GLN C 268 -20.38 25.24 -9.29
C GLN C 268 -20.22 24.16 -10.35
N VAL C 269 -21.01 24.26 -11.41
CA VAL C 269 -20.95 23.34 -12.53
C VAL C 269 -20.46 24.09 -13.76
N LEU C 270 -19.38 23.59 -14.37
CA LEU C 270 -18.82 24.18 -15.57
C LEU C 270 -18.94 23.16 -16.69
N THR C 271 -19.66 23.52 -17.75
CA THR C 271 -20.01 22.57 -18.81
C THR C 271 -19.49 23.01 -20.17
N ARG C 272 -18.70 22.14 -20.81
CA ARG C 272 -18.32 22.34 -22.19
C ARG C 272 -19.48 21.92 -23.07
N THR C 273 -19.92 22.82 -23.95
CA THR C 273 -21.08 22.58 -24.81
C THR C 273 -20.71 22.04 -26.19
N GLY C 274 -19.42 22.03 -26.51
CA GLY C 274 -18.99 21.57 -27.81
C GLY C 274 -17.59 22.03 -28.16
N GLU C 275 -17.01 21.33 -29.14
CA GLU C 275 -15.70 21.63 -29.68
C GLU C 275 -15.61 23.10 -30.05
N GLY C 276 -14.71 23.82 -29.36
CA GLY C 276 -14.50 25.25 -29.60
C GLY C 276 -15.69 26.14 -29.31
N LEU C 277 -16.55 25.72 -28.39
CA LEU C 277 -17.70 26.53 -27.98
C LEU C 277 -17.47 27.06 -26.57
N GLN C 278 -18.32 27.99 -26.16
CA GLN C 278 -18.21 28.58 -24.83
C GLN C 278 -18.63 27.61 -23.75
N ARG C 279 -17.98 27.73 -22.59
CA ARG C 279 -18.25 26.90 -21.45
C ARG C 279 -19.37 27.57 -20.62
N LEU C 280 -20.33 26.78 -20.16
CA LEU C 280 -21.44 27.31 -19.34
C LEU C 280 -21.21 27.07 -17.86
N THR C 281 -21.74 27.96 -17.02
CA THR C 281 -21.63 27.84 -15.57
C THR C 281 -22.97 28.03 -14.87
N HIS C 282 -23.24 27.19 -13.87
CA HIS C 282 -24.36 27.39 -12.97
C HIS C 282 -24.06 26.86 -11.56
N THR C 283 -24.80 27.36 -10.58
CA THR C 283 -24.59 27.06 -9.17
C THR C 283 -25.64 26.09 -8.65
N LEU C 284 -25.20 25.13 -7.85
CA LEU C 284 -26.06 24.12 -7.23
C LEU C 284 -26.08 24.30 -5.72
N GLN C 285 -27.27 24.19 -5.11
CA GLN C 285 -27.41 24.13 -3.65
C GLN C 285 -27.78 22.70 -3.26
N THR C 286 -27.25 22.22 -2.13
CA THR C 286 -27.55 20.87 -1.65
C THR C 286 -27.78 20.84 -0.15
N SER C 287 -28.39 19.75 0.32
CA SER C 287 -28.55 19.50 1.74
C SER C 287 -28.74 18.01 2.02
N TYR C 288 -28.44 17.60 3.25
CA TYR C 288 -28.52 16.19 3.66
C TYR C 288 -29.86 15.88 4.29
N GLY C 289 -30.39 14.69 4.00
CA GLY C 289 -31.58 14.16 4.64
C GLY C 289 -31.19 13.05 5.60
N GLU C 290 -32.03 12.03 5.72
CA GLU C 290 -31.74 10.92 6.64
C GLU C 290 -30.69 9.98 6.05
N HIS C 291 -29.82 9.48 6.93
CA HIS C 291 -28.68 8.62 6.57
C HIS C 291 -27.76 9.21 5.52
N ALA C 292 -27.48 10.52 5.67
CA ALA C 292 -26.51 11.22 4.83
C ALA C 292 -26.81 11.15 3.33
N VAL C 293 -28.09 11.05 2.97
CA VAL C 293 -28.52 11.13 1.58
C VAL C 293 -28.60 12.60 1.20
N LEU C 294 -27.87 12.98 0.16
CA LEU C 294 -27.82 14.37 -0.28
C LEU C 294 -28.91 14.63 -1.32
N THR C 295 -29.54 15.79 -1.22
CA THR C 295 -30.52 16.22 -2.20
C THR C 295 -30.06 17.52 -2.87
N ILE C 296 -30.13 17.55 -4.19
CA ILE C 296 -29.81 18.75 -4.96
C ILE C 296 -31.07 19.58 -5.09
N HIS C 297 -31.02 20.83 -4.63
CA HIS C 297 -32.19 21.72 -4.69
C HIS C 297 -32.47 22.15 -6.13
N THR C 298 -33.73 22.51 -6.38
CA THR C 298 -34.21 22.93 -7.70
C THR C 298 -34.85 24.31 -7.60
N GLN C 313 -28.82 30.23 -18.60
CA GLN C 313 -27.55 29.95 -19.24
C GLN C 313 -26.63 31.16 -19.21
N THR C 314 -25.50 31.05 -18.50
CA THR C 314 -24.48 32.10 -18.50
C THR C 314 -23.12 31.51 -18.90
N VAL C 315 -22.42 32.21 -19.79
CA VAL C 315 -21.12 31.76 -20.29
C VAL C 315 -20.00 32.23 -19.37
N ILE C 316 -18.86 31.55 -19.47
CA ILE C 316 -17.68 31.86 -18.66
C ILE C 316 -16.44 31.97 -19.56
N LYS C 317 -15.66 33.03 -19.38
CA LYS C 317 -14.42 33.22 -20.13
C LYS C 317 -13.29 32.39 -19.54
N ASN C 318 -12.13 32.39 -20.21
CA ASN C 318 -10.97 31.60 -19.76
C ASN C 318 -10.35 32.06 -18.44
N ASP C 319 -10.26 33.37 -18.22
CA ASP C 319 -9.68 33.90 -16.98
C ASP C 319 -10.51 33.54 -15.74
N GLU C 320 -11.84 33.52 -15.91
CA GLU C 320 -12.75 33.04 -14.86
C GLU C 320 -12.56 31.54 -14.62
N LEU C 321 -12.33 30.80 -15.70
CA LEU C 321 -12.11 29.35 -15.62
C LEU C 321 -10.83 29.03 -14.86
N GLU C 322 -9.73 29.67 -15.26
CA GLU C 322 -8.44 29.47 -14.59
C GLU C 322 -8.48 29.93 -13.13
N SER C 323 -9.28 30.95 -12.84
CA SER C 323 -9.51 31.41 -11.47
C SER C 323 -10.17 30.32 -10.62
N VAL C 324 -11.14 29.63 -11.21
CA VAL C 324 -11.80 28.50 -10.56
C VAL C 324 -10.83 27.33 -10.32
N LEU C 325 -10.00 27.03 -11.32
CA LEU C 325 -9.02 25.95 -11.20
C LEU C 325 -7.97 26.21 -10.11
N ARG C 326 -7.65 27.48 -9.87
CA ARG C 326 -6.62 27.84 -8.89
C ARG C 326 -7.06 27.63 -7.42
N ARG C 327 -8.30 27.24 -7.20
CA ARG C 327 -8.77 26.85 -5.87
C ARG C 327 -8.29 25.44 -5.48
N LEU C 328 -7.91 24.65 -6.47
CA LEU C 328 -7.41 23.29 -6.24
C LEU C 328 -5.97 23.30 -5.70
PG APC D . 37.24 7.61 4.76
O1G APC D . 37.97 8.88 5.13
O2G APC D . 35.83 7.54 5.29
O3G APC D . 37.38 7.23 3.30
PB APC D . 38.69 6.67 7.00
O1B APC D . 39.48 5.49 7.40
O2B APC D . 39.64 7.97 6.94
O3B APC D . 38.02 6.44 5.55
PA APC D . 37.94 8.00 9.53
O1A APC D . 36.72 8.31 10.52
O2A APC D . 38.40 9.28 8.93
C3A APC D . 37.36 6.90 8.22
O5' APC D . 39.14 7.29 10.33
C5' APC D . 40.49 7.78 10.31
C4' APC D . 40.65 9.01 11.18
O4' APC D . 41.14 8.65 12.49
C3' APC D . 41.64 10.02 10.63
O3' APC D . 40.96 11.07 9.93
C2' APC D . 42.42 10.54 11.82
O2' APC D . 42.13 11.91 12.06
C1' APC D . 42.01 9.67 13.00
N9 APC D . 43.20 9.06 13.66
C8 APC D . 43.76 7.88 13.30
N7 APC D . 44.85 7.61 14.08
C5 APC D . 44.99 8.63 14.95
C6 APC D . 45.92 8.97 16.05
N6 APC D . 46.94 8.14 16.37
N1 APC D . 45.71 10.13 16.72
C2 APC D . 44.70 10.96 16.41
N3 APC D . 43.82 10.71 15.42
C4 APC D . 43.90 9.58 14.67
PG APC E . 11.61 2.11 14.56
O1G APC E . 11.01 3.45 14.93
O2G APC E . 10.96 1.48 13.35
O3G APC E . 13.12 2.07 14.58
PB APC E . 10.60 1.63 17.15
O1B APC E . 10.73 0.56 18.17
O2B APC E . 11.48 2.90 17.60
O3B APC E . 11.18 1.09 15.74
PA APC E . 8.46 3.18 18.35
O1A APC E . 7.05 3.91 18.12
O2A APC E . 9.50 4.23 18.43
C3A APC E . 8.86 2.09 16.97
O5' APC E . 8.43 2.31 19.71
C5' APC E . 9.42 2.47 20.73
C4' APC E . 9.19 3.75 21.54
O4' APC E . 8.31 3.51 22.65
C3' APC E . 10.49 4.31 22.10
O3' APC E . 10.83 5.53 21.43
C2' APC E . 10.25 4.51 23.59
O2' APC E . 10.59 5.84 24.02
C1' APC E . 8.77 4.20 23.82
N9 APC E . 8.61 3.36 25.03
C8 APC E . 8.70 2.01 25.06
N7 APC E . 8.53 1.54 26.32
C5 APC E . 8.32 2.60 27.13
C6 APC E . 8.08 2.81 28.57
N6 APC E . 8.01 1.77 29.43
N1 APC E . 7.92 4.09 29.00
C2 APC E . 7.99 5.14 28.16
N3 APC E . 8.22 5.02 26.83
C4 APC E . 8.38 3.80 26.27
PG APC F . -11.60 9.90 0.58
O1G APC F . -11.39 11.36 0.26
O2G APC F . -12.32 9.16 -0.53
O3G APC F . -10.38 9.19 1.11
PB APC F . -14.19 10.28 1.61
O1B APC F . -15.00 9.79 2.74
O2B APC F . -14.76 9.64 0.25
O3B APC F . -12.64 9.87 1.80
PA APC F . -15.66 12.61 0.53
O1A APC F . -15.63 11.81 -0.87
O2A APC F . -15.52 14.07 0.28
C3A APC F . -14.28 12.09 1.56
O5' APC F . -17.08 12.28 1.24
C5' APC F . -17.29 12.22 2.65
C4' APC F . -17.48 13.63 3.21
O4' APC F . -18.87 13.95 3.26
C3' APC F . -16.92 13.78 4.63
O3' APC F . -15.86 14.74 4.63
C2' APC F . -18.09 14.22 5.48
O2' APC F . -17.77 15.33 6.34
C1' APC F . -19.20 14.60 4.50
N9 APC F . -20.52 14.14 5.01
C8 APC F . -21.03 12.91 4.84
N7 APC F . -22.25 12.82 5.43
C5 APC F . -22.54 14.00 5.96
C6 APC F . -23.66 14.60 6.73
N6 APC F . -24.77 13.85 7.03
N1 APC F . -23.57 15.89 7.10
C2 APC F . -22.48 16.64 6.82
N3 APC F . -21.43 16.17 6.13
C4 APC F . -21.39 14.88 5.68
#